data_1X28
#
_entry.id   1X28
#
_cell.length_a   143.830
_cell.length_b   143.830
_cell.length_c   81.570
_cell.angle_alpha   90.00
_cell.angle_beta   90.00
_cell.angle_gamma   120.00
#
_symmetry.space_group_name_H-M   'P 63'
#
loop_
_entity.id
_entity.type
_entity.pdbx_description
1 polymer 'Aspartate aminotransferase'
2 non-polymer 'N-({3-hydroxy-2-methyl-5-[(phosphonooxy)methyl]pyridin-4-yl}methyl)-L-glutamic acid'
3 water water
#
_entity_poly.entity_id   1
_entity_poly.type   'polypeptide(L)'
_entity_poly.pdbx_seq_one_letter_code
;MFENITAAPADPILGLADLFRADERPGKINLGIGVYKDETGKTPVLTSVKKAEQYLLENETTKNYLGIDGIPEFGRCTQE
LLFGKGSALINDKRARTAQTPGGTGALRVAADFLAKNTSVKRVWVSNPSWPNHKSVFNSAGLEVREYAYYDAENHTLDFD
ALINSLNEAQAGDVVLFHGCCHNPTGIDPTLEQWQTLAQLSVEKGWLPLFDFAYQGFARGLEEDAEGLRAFAAMHKELIV
ASSYSKNFGLYNERVGACTLVAADSETVDRAFSQMKAAIRANYSNPPAHGASVVATILSNDALRAIWEQELTDMRQRIQR
MRQLFVNTLQEKGANRDFSFIIKQNGMFSFSGLTKEQVLRLREEFGVYAVASGRVNVAGMTPDNMAPLCEAIVAVL
;
_entity_poly.pdbx_strand_id   A,B
#
# COMPACT_ATOMS: atom_id res chain seq x y z
N MET A 1 17.67 1.41 -21.53
CA MET A 1 16.20 1.39 -21.81
C MET A 1 15.51 2.54 -21.11
N PHE A 2 16.16 3.07 -20.07
CA PHE A 2 15.59 4.18 -19.33
C PHE A 2 15.83 5.54 -19.97
N GLU A 3 16.62 5.58 -21.04
CA GLU A 3 16.89 6.84 -21.72
C GLU A 3 15.71 7.33 -22.55
N ASN A 4 14.78 6.44 -22.88
CA ASN A 4 13.63 6.84 -23.68
C ASN A 4 12.42 7.29 -22.87
N ILE A 5 12.54 7.29 -21.56
CA ILE A 5 11.45 7.70 -20.71
C ILE A 5 11.34 9.23 -20.64
N THR A 6 10.14 9.76 -20.85
CA THR A 6 9.94 11.20 -20.74
C THR A 6 9.46 11.52 -19.32
N ALA A 7 10.13 12.47 -18.68
CA ALA A 7 9.79 12.86 -17.31
C ALA A 7 8.30 13.13 -17.08
N ALA A 8 7.86 12.96 -15.84
CA ALA A 8 6.47 13.20 -15.50
C ALA A 8 6.35 14.57 -14.88
N PRO A 9 5.24 15.28 -15.14
CA PRO A 9 5.08 16.61 -14.56
C PRO A 9 5.03 16.47 -13.04
N ALA A 10 4.87 17.59 -12.33
CA ALA A 10 4.81 17.51 -10.87
C ALA A 10 3.36 17.41 -10.44
N ASP A 11 3.12 16.82 -9.28
CA ASP A 11 1.77 16.70 -8.79
C ASP A 11 1.24 18.11 -8.54
N PRO A 12 0.09 18.46 -9.13
CA PRO A 12 -0.46 19.81 -8.93
C PRO A 12 -0.62 20.15 -7.45
N ILE A 13 -0.76 19.12 -6.63
CA ILE A 13 -0.90 19.28 -5.20
C ILE A 13 0.42 18.94 -4.51
N LEU A 14 0.73 17.65 -4.41
CA LEU A 14 1.96 17.19 -3.76
C LEU A 14 3.19 17.96 -4.24
N GLY A 15 3.20 18.34 -5.52
CA GLY A 15 4.33 19.08 -6.03
C GLY A 15 4.52 20.31 -5.18
N LEU A 16 3.59 21.25 -5.31
CA LEU A 16 3.57 22.51 -4.57
C LEU A 16 4.28 22.46 -3.22
N ALA A 17 4.03 21.39 -2.46
CA ALA A 17 4.61 21.21 -1.14
C ALA A 17 6.14 21.19 -1.07
N ASP A 18 6.80 20.75 -2.16
CA ASP A 18 8.26 20.72 -2.16
C ASP A 18 8.83 22.10 -2.44
N LEU A 19 8.06 22.92 -3.16
CA LEU A 19 8.49 24.27 -3.47
C LEU A 19 8.44 25.08 -2.18
N PHE A 20 7.39 24.86 -1.38
CA PHE A 20 7.25 25.57 -0.11
C PHE A 20 8.44 25.26 0.78
N ARG A 21 8.89 24.02 0.76
CA ARG A 21 10.04 23.62 1.57
C ARG A 21 11.28 24.24 0.95
N ALA A 22 11.18 24.58 -0.33
CA ALA A 22 12.30 25.18 -1.02
C ALA A 22 12.37 26.68 -0.76
N ASP A 23 11.21 27.34 -0.75
CA ASP A 23 11.13 28.78 -0.52
C ASP A 23 11.96 29.21 0.68
N GLU A 24 12.79 30.22 0.47
CA GLU A 24 13.68 30.76 1.49
C GLU A 24 13.18 31.93 2.32
N ARG A 25 12.36 32.82 1.74
CA ARG A 25 11.89 33.97 2.51
C ARG A 25 11.06 33.65 3.74
N PRO A 26 11.28 34.40 4.84
CA PRO A 26 10.55 34.19 6.09
C PRO A 26 9.13 34.77 6.01
N GLY A 27 8.18 34.06 6.61
CA GLY A 27 6.80 34.53 6.60
C GLY A 27 5.92 33.75 5.64
N LYS A 28 6.52 32.80 4.92
CA LYS A 28 5.78 31.97 3.96
C LYS A 28 4.50 31.44 4.60
N ILE A 29 3.48 31.25 3.77
CA ILE A 29 2.21 30.71 4.25
C ILE A 29 1.78 29.60 3.29
N ASN A 30 1.58 28.41 3.85
CA ASN A 30 1.20 27.24 3.10
C ASN A 30 -0.29 26.96 3.20
N LEU A 31 -1.00 27.15 2.08
CA LEU A 31 -2.44 26.92 2.03
C LEU A 31 -2.76 25.87 0.95
N GLY A 32 -1.75 25.03 0.66
CA GLY A 32 -1.88 24.00 -0.35
C GLY A 32 -2.47 22.67 0.08
N ILE A 33 -1.61 21.68 0.29
CA ILE A 33 -2.05 20.35 0.68
C ILE A 33 -3.09 20.39 1.80
N GLY A 34 -4.09 19.52 1.70
CA GLY A 34 -5.15 19.47 2.69
C GLY A 34 -4.89 18.72 3.97
N VAL A 35 -4.18 19.36 4.89
CA VAL A 35 -3.91 18.74 6.17
C VAL A 35 -4.45 19.70 7.21
N TYR A 36 -4.89 19.16 8.34
CA TYR A 36 -5.41 20.01 9.41
C TYR A 36 -4.28 20.64 10.20
N LYS A 37 -4.51 21.85 10.70
CA LYS A 37 -3.54 22.54 11.52
C LYS A 37 -4.31 23.20 12.63
N ASP A 38 -3.73 23.25 13.82
CA ASP A 38 -4.41 23.89 14.94
C ASP A 38 -4.04 25.37 14.96
N GLU A 39 -4.44 26.07 16.03
CA GLU A 39 -4.17 27.49 16.19
C GLU A 39 -2.66 27.82 16.09
N THR A 40 -1.82 26.90 16.55
CA THR A 40 -0.37 27.12 16.53
C THR A 40 0.25 26.76 15.18
N GLY A 41 -0.59 26.40 14.22
CA GLY A 41 -0.10 26.06 12.90
C GLY A 41 0.56 24.70 12.75
N LYS A 42 0.35 23.81 13.71
CA LYS A 42 0.93 22.48 13.62
C LYS A 42 -0.10 21.37 13.41
N THR A 43 0.34 20.27 12.80
CA THR A 43 -0.49 19.10 12.54
C THR A 43 -0.18 18.06 13.62
N PRO A 44 -0.77 18.20 14.80
CA PRO A 44 -0.53 17.27 15.90
C PRO A 44 -1.16 15.89 15.72
N VAL A 45 -0.74 14.95 16.55
CA VAL A 45 -1.32 13.61 16.50
C VAL A 45 -2.31 13.65 17.64
N LEU A 46 -3.55 13.24 17.36
CA LEU A 46 -4.61 13.24 18.35
C LEU A 46 -4.25 12.47 19.61
N THR A 47 -4.86 12.89 20.71
CA THR A 47 -4.65 12.26 22.00
C THR A 47 -5.23 10.85 21.99
N SER A 48 -6.39 10.69 21.37
CA SER A 48 -7.02 9.38 21.29
C SER A 48 -6.09 8.43 20.55
N VAL A 49 -5.34 8.96 19.59
CA VAL A 49 -4.40 8.16 18.82
C VAL A 49 -3.15 7.79 19.63
N LYS A 50 -2.60 8.74 20.39
CA LYS A 50 -1.41 8.44 21.20
C LYS A 50 -1.80 7.39 22.24
N LYS A 51 -3.03 7.48 22.74
CA LYS A 51 -3.52 6.53 23.73
C LYS A 51 -3.52 5.14 23.12
N ALA A 52 -4.15 5.00 21.96
CA ALA A 52 -4.24 3.72 21.29
C ALA A 52 -2.86 3.19 20.96
N GLU A 53 -1.94 4.06 20.58
CA GLU A 53 -0.61 3.60 20.23
C GLU A 53 0.09 3.04 21.45
N GLN A 54 -0.08 3.67 22.61
CA GLN A 54 0.56 3.14 23.80
C GLN A 54 -0.03 1.77 24.08
N TYR A 55 -1.35 1.65 23.95
CA TYR A 55 -2.01 0.37 24.18
C TYR A 55 -1.43 -0.72 23.27
N LEU A 56 -1.23 -0.41 22.00
CA LEU A 56 -0.69 -1.39 21.07
C LEU A 56 0.75 -1.75 21.43
N LEU A 57 1.53 -0.78 21.85
CA LEU A 57 2.92 -1.03 22.21
C LEU A 57 3.00 -2.01 23.38
N GLU A 58 2.05 -1.90 24.31
CA GLU A 58 2.02 -2.76 25.50
C GLU A 58 1.48 -4.16 25.24
N ASN A 59 0.51 -4.28 24.34
CA ASN A 59 -0.09 -5.58 24.10
C ASN A 59 0.20 -6.40 22.84
N GLU A 60 0.85 -5.81 21.83
CA GLU A 60 1.14 -6.56 20.61
C GLU A 60 2.21 -7.61 20.93
N THR A 61 1.96 -8.85 20.55
CA THR A 61 2.91 -9.93 20.80
C THR A 61 3.52 -10.43 19.50
N THR A 62 2.99 -9.97 18.38
CA THR A 62 3.48 -10.42 17.08
C THR A 62 3.15 -9.42 15.95
N LYS A 63 3.91 -9.48 14.87
CA LYS A 63 3.65 -8.63 13.70
C LYS A 63 3.28 -9.54 12.54
N ASN A 64 2.86 -10.75 12.85
CA ASN A 64 2.48 -11.72 11.83
C ASN A 64 1.50 -11.09 10.84
N TYR A 65 1.57 -11.55 9.59
CA TYR A 65 0.73 -11.05 8.51
C TYR A 65 -0.75 -11.05 8.85
N LEU A 66 -1.47 -10.05 8.31
CA LEU A 66 -2.90 -9.94 8.48
C LEU A 66 -3.49 -10.65 7.26
N GLY A 67 -4.79 -10.94 7.29
CA GLY A 67 -5.41 -11.57 6.14
C GLY A 67 -5.40 -10.54 5.02
N ILE A 68 -5.63 -11.01 3.80
CA ILE A 68 -5.63 -10.09 2.66
C ILE A 68 -6.51 -8.86 2.95
N ASP A 69 -7.69 -9.09 3.52
CA ASP A 69 -8.62 -8.00 3.80
C ASP A 69 -8.45 -7.25 5.11
N GLY A 70 -7.38 -7.49 5.84
CA GLY A 70 -7.14 -6.74 7.07
C GLY A 70 -7.90 -7.11 8.33
N ILE A 71 -7.75 -6.28 9.36
CA ILE A 71 -8.39 -6.51 10.63
C ILE A 71 -9.91 -6.60 10.51
N PRO A 72 -10.48 -7.74 10.97
CA PRO A 72 -11.91 -8.01 10.95
C PRO A 72 -12.74 -6.91 11.60
N GLU A 73 -12.37 -6.53 12.83
CA GLU A 73 -13.09 -5.49 13.55
C GLU A 73 -13.05 -4.17 12.80
N PHE A 74 -11.95 -3.92 12.11
CA PHE A 74 -11.81 -2.69 11.34
C PHE A 74 -12.99 -2.56 10.37
N GLY A 75 -13.22 -3.61 9.59
CA GLY A 75 -14.31 -3.59 8.63
C GLY A 75 -15.69 -3.42 9.23
N ARG A 76 -15.97 -4.12 10.32
CA ARG A 76 -17.27 -4.02 10.97
C ARG A 76 -17.53 -2.59 11.43
N CYS A 77 -16.52 -1.97 12.03
CA CYS A 77 -16.64 -0.61 12.52
C CYS A 77 -16.86 0.40 11.40
N THR A 78 -16.16 0.25 10.27
CA THR A 78 -16.36 1.21 9.19
C THR A 78 -17.75 1.06 8.59
N GLN A 79 -18.25 -0.18 8.49
CA GLN A 79 -19.59 -0.40 7.95
C GLN A 79 -20.67 0.25 8.79
N GLU A 80 -20.47 0.30 10.10
CA GLU A 80 -21.45 0.94 10.96
C GLU A 80 -21.39 2.45 10.74
N LEU A 81 -20.18 3.01 10.74
CA LEU A 81 -19.99 4.44 10.52
C LEU A 81 -20.68 4.88 9.23
N LEU A 82 -20.48 4.11 8.17
CA LEU A 82 -21.05 4.44 6.88
C LEU A 82 -22.55 4.23 6.76
N PHE A 83 -23.01 3.04 7.11
CA PHE A 83 -24.43 2.70 6.96
C PHE A 83 -25.33 2.86 8.17
N GLY A 84 -24.76 2.90 9.37
CA GLY A 84 -25.58 3.03 10.55
C GLY A 84 -25.57 1.75 11.37
N LYS A 85 -25.49 1.91 12.69
CA LYS A 85 -25.45 0.79 13.62
C LYS A 85 -26.42 -0.33 13.32
N GLY A 86 -27.68 -0.01 13.06
CA GLY A 86 -28.64 -1.05 12.77
C GLY A 86 -29.01 -1.25 11.31
N SER A 87 -28.16 -0.77 10.41
CA SER A 87 -28.42 -0.87 8.96
C SER A 87 -28.90 -2.24 8.49
N ALA A 88 -29.75 -2.22 7.46
CA ALA A 88 -30.27 -3.45 6.89
C ALA A 88 -29.19 -4.11 6.03
N LEU A 89 -28.39 -3.29 5.35
CA LEU A 89 -27.31 -3.80 4.51
C LEU A 89 -26.38 -4.67 5.34
N ILE A 90 -26.14 -4.27 6.58
CA ILE A 90 -25.28 -5.02 7.47
C ILE A 90 -25.97 -6.27 7.99
N ASN A 91 -27.22 -6.11 8.43
CA ASN A 91 -27.98 -7.24 8.95
C ASN A 91 -28.17 -8.34 7.92
N ASP A 92 -28.35 -7.97 6.66
CA ASP A 92 -28.53 -8.96 5.61
C ASP A 92 -27.18 -9.41 5.04
N LYS A 93 -26.10 -8.90 5.63
CA LYS A 93 -24.74 -9.22 5.23
C LYS A 93 -24.47 -9.00 3.74
N ARG A 94 -24.90 -7.86 3.22
CA ARG A 94 -24.69 -7.55 1.82
C ARG A 94 -23.39 -6.78 1.57
N ALA A 95 -22.63 -6.48 2.62
CA ALA A 95 -21.40 -5.73 2.45
C ALA A 95 -20.14 -6.38 3.00
N ARG A 96 -19.05 -6.23 2.25
CA ARG A 96 -17.75 -6.76 2.66
C ARG A 96 -16.83 -5.54 2.60
N THR A 97 -15.90 -5.46 3.54
CA THR A 97 -14.99 -4.35 3.58
C THR A 97 -13.54 -4.76 3.66
N ALA A 98 -12.72 -4.20 2.78
CA ALA A 98 -11.29 -4.53 2.79
C ALA A 98 -10.47 -3.32 3.24
N GLN A 99 -9.59 -3.57 4.19
CA GLN A 99 -8.69 -2.54 4.72
C GLN A 99 -7.67 -2.28 3.63
N THR A 100 -7.48 -1.01 3.29
CA THR A 100 -6.55 -0.62 2.23
C THR A 100 -5.56 0.44 2.70
N PRO A 101 -4.49 0.65 1.92
CA PRO A 101 -3.51 1.67 2.30
C PRO A 101 -4.02 3.04 1.85
N GLY A 102 -4.83 3.67 2.71
CA GLY A 102 -5.39 4.97 2.41
C GLY A 102 -6.62 4.93 1.50
N GLY A 103 -7.30 6.08 1.38
CA GLY A 103 -8.46 6.13 0.51
C GLY A 103 -8.04 5.96 -0.95
N THR A 104 -6.83 6.44 -1.26
CA THR A 104 -6.29 6.33 -2.61
C THR A 104 -6.21 4.84 -2.92
N GLY A 105 -5.72 4.09 -1.95
CA GLY A 105 -5.58 2.66 -2.10
C GLY A 105 -6.92 1.98 -2.30
N ALA A 106 -7.97 2.49 -1.65
CA ALA A 106 -9.31 1.93 -1.80
C ALA A 106 -9.84 2.22 -3.21
N LEU A 107 -9.50 3.38 -3.76
CA LEU A 107 -9.95 3.76 -5.09
C LEU A 107 -9.25 2.92 -6.14
N ARG A 108 -7.98 2.60 -5.90
CA ARG A 108 -7.19 1.79 -6.82
C ARG A 108 -7.63 0.33 -6.83
N VAL A 109 -7.85 -0.29 -5.66
CA VAL A 109 -8.28 -1.68 -5.69
C VAL A 109 -9.67 -1.76 -6.31
N ALA A 110 -10.50 -0.75 -6.08
CA ALA A 110 -11.85 -0.75 -6.65
C ALA A 110 -11.71 -0.69 -8.16
N ALA A 111 -10.76 0.13 -8.63
CA ALA A 111 -10.52 0.28 -10.05
C ALA A 111 -9.95 -1.00 -10.68
N ASP A 112 -8.99 -1.63 -10.01
CA ASP A 112 -8.42 -2.87 -10.53
C ASP A 112 -9.50 -3.96 -10.56
N PHE A 113 -10.33 -3.97 -9.52
CA PHE A 113 -11.42 -4.94 -9.41
C PHE A 113 -12.38 -4.82 -10.59
N LEU A 114 -12.87 -3.61 -10.81
CA LEU A 114 -13.82 -3.34 -11.90
C LEU A 114 -13.23 -3.64 -13.28
N ALA A 115 -11.98 -3.23 -13.49
CA ALA A 115 -11.32 -3.46 -14.78
C ALA A 115 -11.20 -4.94 -15.14
N LYS A 116 -10.80 -5.76 -14.17
CA LYS A 116 -10.59 -7.19 -14.43
C LYS A 116 -11.81 -8.11 -14.30
N ASN A 117 -12.85 -7.67 -13.58
CA ASN A 117 -14.00 -8.54 -13.35
C ASN A 117 -15.37 -8.06 -13.80
N THR A 118 -15.47 -6.92 -14.48
CA THR A 118 -16.77 -6.44 -14.93
C THR A 118 -16.71 -5.90 -16.35
N SER A 119 -17.85 -5.47 -16.86
CA SER A 119 -17.89 -4.93 -18.22
C SER A 119 -17.77 -3.40 -18.19
N VAL A 120 -17.56 -2.85 -17.00
CA VAL A 120 -17.42 -1.40 -16.84
C VAL A 120 -16.29 -0.89 -17.73
N LYS A 121 -16.57 0.16 -18.51
CA LYS A 121 -15.56 0.69 -19.41
C LYS A 121 -15.31 2.18 -19.11
N ARG A 122 -16.25 2.81 -18.42
CA ARG A 122 -16.16 4.22 -18.15
C ARG A 122 -16.55 4.67 -16.73
N VAL A 123 -15.81 5.63 -16.20
CA VAL A 123 -16.07 6.19 -14.87
C VAL A 123 -16.30 7.68 -15.04
N TRP A 124 -17.39 8.19 -14.48
CA TRP A 124 -17.70 9.61 -14.58
C TRP A 124 -17.35 10.33 -13.27
N VAL A 125 -16.47 11.32 -13.39
CA VAL A 125 -16.02 12.11 -12.26
C VAL A 125 -16.49 13.55 -12.48
N SER A 126 -16.65 14.29 -11.39
CA SER A 126 -17.08 15.69 -11.48
C SER A 126 -15.91 16.58 -11.91
N ASN A 127 -16.28 17.73 -12.43
CA ASN A 127 -15.33 18.74 -12.87
C ASN A 127 -15.75 20.03 -12.18
N PRO A 128 -14.90 20.59 -11.33
CA PRO A 128 -13.58 20.04 -11.02
C PRO A 128 -13.67 18.92 -9.99
N SER A 129 -12.54 18.31 -9.69
CA SER A 129 -12.49 17.25 -8.69
C SER A 129 -11.04 17.11 -8.21
N TRP A 130 -10.81 16.16 -7.32
CA TRP A 130 -9.48 15.88 -6.82
C TRP A 130 -8.75 15.36 -8.06
N PRO A 131 -7.63 15.98 -8.44
CA PRO A 131 -6.82 15.63 -9.61
C PRO A 131 -6.43 14.15 -9.76
N ASN A 132 -6.10 13.52 -8.64
CA ASN A 132 -5.67 12.14 -8.65
C ASN A 132 -6.75 11.12 -8.99
N HIS A 133 -8.02 11.54 -8.94
CA HIS A 133 -9.12 10.63 -9.28
C HIS A 133 -8.91 10.10 -10.69
N LYS A 134 -8.61 10.99 -11.63
CA LYS A 134 -8.41 10.58 -13.02
C LYS A 134 -7.21 9.67 -13.22
N SER A 135 -6.13 9.93 -12.48
CA SER A 135 -4.93 9.12 -12.57
C SER A 135 -5.15 7.70 -12.04
N VAL A 136 -5.97 7.58 -11.00
CA VAL A 136 -6.24 6.29 -10.39
C VAL A 136 -6.99 5.35 -11.33
N PHE A 137 -8.08 5.84 -11.92
CA PHE A 137 -8.86 5.01 -12.82
C PHE A 137 -8.15 4.71 -14.14
N ASN A 138 -7.42 5.69 -14.67
CA ASN A 138 -6.66 5.50 -15.91
C ASN A 138 -5.63 4.38 -15.71
N SER A 139 -5.03 4.30 -14.52
CA SER A 139 -4.03 3.27 -14.26
C SER A 139 -4.62 1.86 -14.40
N ALA A 140 -5.94 1.74 -14.30
CA ALA A 140 -6.59 0.44 -14.45
C ALA A 140 -7.08 0.31 -15.90
N GLY A 141 -6.80 1.33 -16.70
CA GLY A 141 -7.22 1.30 -18.09
C GLY A 141 -8.64 1.75 -18.33
N LEU A 142 -9.30 2.31 -17.31
CA LEU A 142 -10.68 2.79 -17.49
C LEU A 142 -10.71 4.22 -18.03
N GLU A 143 -11.58 4.47 -19.00
CA GLU A 143 -11.74 5.80 -19.57
C GLU A 143 -12.47 6.64 -18.53
N VAL A 144 -12.05 7.89 -18.37
CA VAL A 144 -12.68 8.75 -17.39
C VAL A 144 -13.34 9.95 -18.04
N ARG A 145 -14.64 10.10 -17.83
CA ARG A 145 -15.40 11.23 -18.38
C ARG A 145 -15.74 12.18 -17.24
N GLU A 146 -16.09 13.41 -17.58
CA GLU A 146 -16.41 14.40 -16.56
C GLU A 146 -17.80 15.01 -16.72
N TYR A 147 -18.42 15.32 -15.59
CA TYR A 147 -19.72 15.96 -15.61
C TYR A 147 -19.60 17.32 -14.93
N ALA A 148 -20.55 18.19 -15.22
CA ALA A 148 -20.57 19.54 -14.67
C ALA A 148 -21.00 19.53 -13.21
N TYR A 149 -20.47 20.45 -12.41
CA TYR A 149 -20.78 20.49 -11.00
C TYR A 149 -20.89 21.89 -10.40
N TYR A 150 -19.85 22.69 -10.64
CA TYR A 150 -19.79 24.03 -10.05
C TYR A 150 -20.31 25.20 -10.87
N ASP A 151 -21.07 26.05 -10.20
CA ASP A 151 -21.59 27.28 -10.81
C ASP A 151 -20.61 28.34 -10.30
N ALA A 152 -19.66 28.73 -11.13
CA ALA A 152 -18.64 29.72 -10.74
C ALA A 152 -19.16 31.14 -10.64
N GLU A 153 -20.39 31.36 -11.10
CA GLU A 153 -21.00 32.68 -11.08
C GLU A 153 -21.74 32.88 -9.74
N ASN A 154 -22.55 31.88 -9.38
CA ASN A 154 -23.31 31.92 -8.14
C ASN A 154 -22.61 31.22 -6.99
N HIS A 155 -21.43 30.65 -7.26
CA HIS A 155 -20.68 29.93 -6.24
C HIS A 155 -21.59 28.92 -5.54
N THR A 156 -22.35 28.18 -6.34
CA THR A 156 -23.28 27.18 -5.82
C THR A 156 -23.19 25.93 -6.69
N LEU A 157 -24.02 24.95 -6.38
CA LEU A 157 -24.08 23.71 -7.12
C LEU A 157 -25.00 23.92 -8.31
N ASP A 158 -24.47 23.73 -9.52
CA ASP A 158 -25.26 23.88 -10.72
C ASP A 158 -25.98 22.56 -10.97
N PHE A 159 -27.09 22.35 -10.28
CA PHE A 159 -27.82 21.11 -10.39
C PHE A 159 -28.37 20.78 -11.78
N ASP A 160 -28.95 21.76 -12.46
CA ASP A 160 -29.50 21.53 -13.79
C ASP A 160 -28.41 21.12 -14.76
N ALA A 161 -27.23 21.73 -14.65
CA ALA A 161 -26.12 21.40 -15.53
C ALA A 161 -25.59 19.99 -15.22
N LEU A 162 -25.58 19.64 -13.93
CA LEU A 162 -25.11 18.32 -13.51
C LEU A 162 -25.98 17.22 -14.10
N ILE A 163 -27.29 17.37 -13.96
CA ILE A 163 -28.25 16.41 -14.49
C ILE A 163 -28.11 16.24 -15.99
N ASN A 164 -28.08 17.37 -16.72
CA ASN A 164 -27.95 17.33 -18.16
C ASN A 164 -26.64 16.73 -18.59
N SER A 165 -25.59 17.08 -17.87
CA SER A 165 -24.24 16.60 -18.14
C SER A 165 -24.13 15.09 -18.09
N LEU A 166 -24.90 14.47 -17.18
CA LEU A 166 -24.87 13.03 -17.00
C LEU A 166 -25.87 12.25 -17.84
N ASN A 167 -26.60 12.96 -18.70
CA ASN A 167 -27.60 12.32 -19.54
C ASN A 167 -26.99 11.22 -20.39
N GLU A 168 -25.75 11.42 -20.80
CA GLU A 168 -25.07 10.44 -21.64
C GLU A 168 -24.32 9.34 -20.90
N ALA A 169 -24.54 9.22 -19.58
CA ALA A 169 -23.89 8.18 -18.78
C ALA A 169 -24.79 6.96 -18.87
N GLN A 170 -24.28 5.87 -19.44
CA GLN A 170 -25.05 4.64 -19.65
C GLN A 170 -25.19 3.67 -18.49
N ALA A 171 -26.01 2.65 -18.70
CA ALA A 171 -26.21 1.61 -17.71
C ALA A 171 -24.88 0.85 -17.69
N GLY A 172 -24.38 0.52 -16.50
CA GLY A 172 -23.10 -0.16 -16.43
C GLY A 172 -21.95 0.82 -16.29
N ASP A 173 -22.23 2.12 -16.46
CA ASP A 173 -21.19 3.14 -16.29
C ASP A 173 -21.05 3.40 -14.80
N VAL A 174 -19.84 3.72 -14.35
CA VAL A 174 -19.62 4.03 -12.95
C VAL A 174 -19.70 5.55 -12.78
N VAL A 175 -20.37 5.99 -11.72
CA VAL A 175 -20.49 7.43 -11.45
C VAL A 175 -19.97 7.72 -10.03
N LEU A 176 -18.87 8.48 -9.97
CA LEU A 176 -18.20 8.86 -8.71
C LEU A 176 -18.90 10.05 -8.04
N PHE A 177 -19.12 9.95 -6.74
CA PHE A 177 -19.74 11.05 -5.99
C PHE A 177 -18.92 11.31 -4.73
N HIS A 178 -18.82 12.57 -4.32
CA HIS A 178 -18.10 12.87 -3.09
C HIS A 178 -19.12 12.77 -1.96
N GLY A 179 -18.84 11.91 -0.98
CA GLY A 179 -19.75 11.73 0.13
C GLY A 179 -20.17 13.04 0.78
N CYS A 180 -19.19 13.91 1.01
CA CYS A 180 -19.42 15.21 1.61
C CYS A 180 -18.12 15.99 1.50
N CYS A 181 -18.18 17.31 1.71
CA CYS A 181 -17.00 18.16 1.63
C CYS A 181 -16.34 18.00 0.27
N HIS A 182 -17.12 18.23 -0.79
CA HIS A 182 -16.59 18.11 -2.14
C HIS A 182 -15.26 18.85 -2.28
N ASN A 183 -14.29 18.15 -2.87
CA ASN A 183 -12.96 18.69 -3.08
C ASN A 183 -12.85 18.94 -4.60
N PRO A 184 -12.54 20.19 -5.01
CA PRO A 184 -12.28 21.39 -4.19
C PRO A 184 -13.33 22.46 -3.95
N THR A 185 -14.57 22.27 -4.39
CA THR A 185 -15.55 23.34 -4.22
C THR A 185 -16.17 23.58 -2.84
N GLY A 186 -16.33 22.52 -2.05
CA GLY A 186 -16.92 22.68 -0.73
C GLY A 186 -18.43 22.70 -0.79
N ILE A 187 -18.98 22.49 -2.00
CA ILE A 187 -20.42 22.47 -2.19
C ILE A 187 -20.94 21.04 -2.31
N ASP A 188 -21.85 20.68 -1.43
CA ASP A 188 -22.43 19.34 -1.44
C ASP A 188 -23.90 19.44 -1.79
N PRO A 189 -24.46 18.36 -2.34
CA PRO A 189 -25.89 18.38 -2.68
C PRO A 189 -26.67 18.41 -1.37
N THR A 190 -27.91 18.87 -1.41
CA THR A 190 -28.74 18.87 -0.21
C THR A 190 -29.30 17.46 -0.14
N LEU A 191 -30.00 17.15 0.94
CA LEU A 191 -30.58 15.81 1.07
C LEU A 191 -31.53 15.59 -0.10
N GLU A 192 -32.30 16.62 -0.43
CA GLU A 192 -33.25 16.54 -1.54
C GLU A 192 -32.55 16.23 -2.85
N GLN A 193 -31.44 16.92 -3.11
CA GLN A 193 -30.71 16.68 -4.34
C GLN A 193 -30.14 15.26 -4.34
N TRP A 194 -29.63 14.80 -3.20
CA TRP A 194 -29.10 13.44 -3.13
C TRP A 194 -30.21 12.44 -3.47
N GLN A 195 -31.36 12.60 -2.83
CA GLN A 195 -32.50 11.72 -3.07
C GLN A 195 -32.87 11.70 -4.55
N THR A 196 -32.79 12.85 -5.19
CA THR A 196 -33.09 12.96 -6.62
C THR A 196 -32.05 12.18 -7.40
N LEU A 197 -30.78 12.40 -7.07
CA LEU A 197 -29.70 11.69 -7.74
C LEU A 197 -29.83 10.19 -7.49
N ALA A 198 -30.26 9.82 -6.28
CA ALA A 198 -30.43 8.42 -5.96
C ALA A 198 -31.45 7.80 -6.94
N GLN A 199 -32.57 8.49 -7.10
CA GLN A 199 -33.62 8.03 -8.01
C GLN A 199 -33.17 7.95 -9.47
N LEU A 200 -32.49 9.00 -9.94
CA LEU A 200 -32.02 9.03 -11.32
C LEU A 200 -31.02 7.91 -11.55
N SER A 201 -30.21 7.64 -10.54
CA SER A 201 -29.19 6.60 -10.61
C SER A 201 -29.79 5.22 -10.87
N VAL A 202 -30.82 4.86 -10.12
CA VAL A 202 -31.45 3.55 -10.30
C VAL A 202 -32.10 3.46 -11.68
N GLU A 203 -32.86 4.48 -12.06
CA GLU A 203 -33.53 4.46 -13.34
C GLU A 203 -32.56 4.37 -14.54
N LYS A 204 -31.37 4.95 -14.38
CA LYS A 204 -30.38 4.94 -15.45
C LYS A 204 -29.48 3.72 -15.45
N GLY A 205 -29.42 3.00 -14.33
CA GLY A 205 -28.59 1.81 -14.25
C GLY A 205 -27.12 2.04 -13.92
N TRP A 206 -26.80 3.17 -13.29
CA TRP A 206 -25.43 3.48 -12.93
C TRP A 206 -24.91 2.66 -11.76
N LEU A 207 -23.60 2.49 -11.69
CA LEU A 207 -22.99 1.79 -10.56
C LEU A 207 -22.41 2.96 -9.77
N PRO A 208 -22.97 3.25 -8.58
CA PRO A 208 -22.46 4.37 -7.78
C PRO A 208 -21.17 4.04 -7.03
N LEU A 209 -20.21 4.95 -7.10
CA LEU A 209 -18.97 4.77 -6.38
C LEU A 209 -18.83 6.03 -5.54
N PHE A 210 -18.85 5.88 -4.22
CA PHE A 210 -18.72 7.00 -3.30
C PHE A 210 -17.32 7.09 -2.74
N ASP A 211 -16.77 8.30 -2.73
CA ASP A 211 -15.45 8.57 -2.20
C ASP A 211 -15.75 9.37 -0.93
N PHE A 212 -15.39 8.81 0.22
CA PHE A 212 -15.66 9.45 1.50
C PHE A 212 -14.36 9.73 2.24
N ALA A 213 -13.74 10.87 1.96
CA ALA A 213 -12.48 11.22 2.62
C ALA A 213 -12.61 12.17 3.82
N TYR A 214 -13.80 12.71 4.04
CA TYR A 214 -13.97 13.68 5.13
C TYR A 214 -15.20 13.48 6.01
N GLN A 215 -15.60 12.23 6.26
CA GLN A 215 -16.77 12.02 7.10
C GLN A 215 -16.58 12.69 8.46
N GLY A 216 -17.47 13.63 8.78
CA GLY A 216 -17.41 14.33 10.05
C GLY A 216 -16.91 15.76 9.95
N PHE A 217 -16.46 16.18 8.77
CA PHE A 217 -15.95 17.53 8.63
C PHE A 217 -16.98 18.54 8.11
N ALA A 218 -18.16 18.05 7.77
CA ALA A 218 -19.21 18.94 7.28
C ALA A 218 -20.14 19.30 8.44
N ARG A 219 -21.08 18.41 8.78
CA ARG A 219 -22.01 18.64 9.86
C ARG A 219 -21.74 17.72 11.05
N GLY A 220 -21.43 16.46 10.75
CA GLY A 220 -21.17 15.48 11.80
C GLY A 220 -21.06 14.10 11.19
N LEU A 221 -20.71 13.10 12.00
CA LEU A 221 -20.55 11.72 11.52
C LEU A 221 -21.78 11.15 10.85
N GLU A 222 -22.93 11.23 11.51
CA GLU A 222 -24.18 10.70 10.96
C GLU A 222 -24.70 11.57 9.81
N GLU A 223 -24.72 12.88 10.03
CA GLU A 223 -25.20 13.82 9.04
C GLU A 223 -24.48 13.74 7.69
N ASP A 224 -23.16 13.66 7.73
CA ASP A 224 -22.35 13.61 6.51
C ASP A 224 -22.59 12.37 5.66
N ALA A 225 -23.22 11.35 6.26
CA ALA A 225 -23.49 10.10 5.58
C ALA A 225 -24.89 9.97 4.99
N GLU A 226 -25.71 11.00 5.13
CA GLU A 226 -27.07 10.92 4.61
C GLU A 226 -27.18 10.67 3.12
N GLY A 227 -26.35 11.37 2.33
CA GLY A 227 -26.39 11.17 0.88
C GLY A 227 -26.20 9.70 0.52
N LEU A 228 -25.13 9.12 1.07
CA LEU A 228 -24.79 7.73 0.84
C LEU A 228 -25.89 6.76 1.27
N ARG A 229 -26.49 7.02 2.42
CA ARG A 229 -27.53 6.15 2.94
C ARG A 229 -28.80 6.22 2.08
N ALA A 230 -29.05 7.36 1.45
CA ALA A 230 -30.21 7.50 0.59
C ALA A 230 -29.95 6.64 -0.65
N PHE A 231 -28.68 6.53 -1.02
CA PHE A 231 -28.31 5.73 -2.18
C PHE A 231 -28.34 4.25 -1.81
N ALA A 232 -27.87 3.96 -0.60
CA ALA A 232 -27.80 2.60 -0.10
C ALA A 232 -29.15 1.91 0.02
N ALA A 233 -30.20 2.68 0.31
CA ALA A 233 -31.53 2.11 0.46
C ALA A 233 -32.23 1.94 -0.88
N MET A 234 -31.65 2.55 -1.90
CA MET A 234 -32.23 2.53 -3.23
C MET A 234 -31.51 1.56 -4.17
N HIS A 235 -30.23 1.31 -3.89
CA HIS A 235 -29.45 0.46 -4.77
C HIS A 235 -29.18 -0.96 -4.37
N LYS A 236 -28.96 -1.77 -5.39
CA LYS A 236 -28.66 -3.19 -5.24
C LYS A 236 -27.16 -3.34 -5.08
N GLU A 237 -26.41 -2.58 -5.87
CA GLU A 237 -24.96 -2.64 -5.84
C GLU A 237 -24.34 -1.25 -5.73
N LEU A 238 -23.20 -1.17 -5.06
CA LEU A 238 -22.51 0.09 -4.92
C LEU A 238 -21.15 -0.13 -4.30
N ILE A 239 -20.27 0.84 -4.46
CA ILE A 239 -18.94 0.76 -3.92
C ILE A 239 -18.63 2.05 -3.18
N VAL A 240 -17.86 1.94 -2.11
CA VAL A 240 -17.49 3.12 -1.37
C VAL A 240 -16.08 3.00 -0.85
N ALA A 241 -15.31 4.04 -1.14
CA ALA A 241 -13.92 4.15 -0.74
C ALA A 241 -13.86 5.20 0.34
N SER A 242 -13.46 4.81 1.54
CA SER A 242 -13.37 5.76 2.63
C SER A 242 -11.93 5.91 3.14
N SER A 243 -11.66 7.02 3.80
CA SER A 243 -10.34 7.31 4.33
C SER A 243 -10.44 7.81 5.77
N TYR A 244 -9.48 7.42 6.59
CA TYR A 244 -9.44 7.86 7.98
C TYR A 244 -8.27 8.82 8.16
N SER A 245 -7.66 9.23 7.05
CA SER A 245 -6.51 10.14 7.06
C SER A 245 -6.77 11.49 7.73
N LYS A 246 -7.91 12.11 7.41
CA LYS A 246 -8.24 13.40 7.97
C LYS A 246 -8.98 13.35 9.29
N ASN A 247 -10.02 12.53 9.39
CA ASN A 247 -10.77 12.49 10.63
C ASN A 247 -10.09 11.82 11.83
N PHE A 248 -8.90 11.26 11.61
CA PHE A 248 -8.15 10.63 12.71
C PHE A 248 -6.72 11.15 12.75
N GLY A 249 -6.41 12.10 11.87
CA GLY A 249 -5.07 12.65 11.80
C GLY A 249 -4.02 11.57 11.57
N LEU A 250 -4.37 10.55 10.79
CA LEU A 250 -3.46 9.44 10.52
C LEU A 250 -2.85 9.42 9.12
N TYR A 251 -2.83 10.58 8.47
CA TYR A 251 -2.30 10.74 7.12
C TYR A 251 -1.23 9.74 6.68
N ASN A 252 -0.05 9.78 7.29
CA ASN A 252 1.04 8.89 6.86
C ASN A 252 0.98 7.42 7.28
N GLU A 253 -0.11 6.99 7.90
CA GLU A 253 -0.18 5.58 8.27
C GLU A 253 -1.03 4.83 7.24
N ARG A 254 -1.57 5.57 6.28
CA ARG A 254 -2.37 5.03 5.19
C ARG A 254 -3.49 4.09 5.63
N VAL A 255 -4.52 4.64 6.24
CA VAL A 255 -5.64 3.86 6.73
C VAL A 255 -6.90 4.23 5.94
N GLY A 256 -7.46 3.22 5.27
CA GLY A 256 -8.66 3.43 4.48
C GLY A 256 -9.41 2.11 4.29
N ALA A 257 -10.48 2.15 3.52
CA ALA A 257 -11.24 0.95 3.31
C ALA A 257 -12.05 1.01 2.03
N CYS A 258 -12.22 -0.15 1.42
CA CYS A 258 -13.00 -0.25 0.21
C CYS A 258 -14.14 -1.19 0.57
N THR A 259 -15.37 -0.70 0.48
CA THR A 259 -16.55 -1.47 0.81
C THR A 259 -17.36 -1.85 -0.42
N LEU A 260 -17.67 -3.13 -0.53
CA LEU A 260 -18.41 -3.67 -1.65
C LEU A 260 -19.80 -4.06 -1.17
N VAL A 261 -20.80 -3.69 -1.97
CA VAL A 261 -22.19 -3.99 -1.66
C VAL A 261 -22.86 -4.65 -2.85
N ALA A 262 -23.45 -5.82 -2.63
CA ALA A 262 -24.13 -6.54 -3.70
C ALA A 262 -25.58 -6.83 -3.29
N ALA A 263 -26.32 -7.51 -4.17
CA ALA A 263 -27.73 -7.81 -3.89
C ALA A 263 -27.95 -8.76 -2.71
N ASP A 264 -27.01 -9.66 -2.49
CA ASP A 264 -27.13 -10.60 -1.39
C ASP A 264 -25.78 -11.11 -0.93
N SER A 265 -25.79 -11.80 0.22
CA SER A 265 -24.59 -12.34 0.83
C SER A 265 -23.77 -13.24 -0.11
N GLU A 266 -24.45 -14.06 -0.89
CA GLU A 266 -23.81 -14.97 -1.81
C GLU A 266 -23.05 -14.25 -2.93
N THR A 267 -23.68 -13.24 -3.51
CA THR A 267 -23.04 -12.49 -4.59
C THR A 267 -21.86 -11.65 -4.11
N VAL A 268 -22.04 -10.92 -3.01
CA VAL A 268 -20.97 -10.08 -2.49
C VAL A 268 -19.73 -10.90 -2.13
N ASP A 269 -19.92 -12.05 -1.49
CA ASP A 269 -18.77 -12.87 -1.12
C ASP A 269 -18.05 -13.34 -2.36
N ARG A 270 -18.80 -13.75 -3.38
CA ARG A 270 -18.19 -14.22 -4.61
C ARG A 270 -17.36 -13.09 -5.22
N ALA A 271 -17.94 -11.90 -5.27
CA ALA A 271 -17.28 -10.73 -5.84
C ALA A 271 -16.09 -10.30 -4.99
N PHE A 272 -16.26 -10.36 -3.67
CA PHE A 272 -15.19 -9.96 -2.77
C PHE A 272 -13.93 -10.83 -2.92
N SER A 273 -14.11 -12.11 -3.25
CA SER A 273 -12.96 -12.99 -3.38
C SER A 273 -12.05 -12.50 -4.49
N GLN A 274 -12.65 -11.91 -5.51
CA GLN A 274 -11.90 -11.37 -6.64
C GLN A 274 -11.24 -10.05 -6.26
N MET A 275 -11.90 -9.29 -5.40
CA MET A 275 -11.32 -8.04 -4.96
C MET A 275 -10.04 -8.37 -4.20
N LYS A 276 -10.07 -9.48 -3.46
CA LYS A 276 -8.91 -9.90 -2.70
C LYS A 276 -7.77 -10.36 -3.61
N ALA A 277 -8.12 -10.97 -4.74
CA ALA A 277 -7.10 -11.42 -5.69
C ALA A 277 -6.38 -10.18 -6.21
N ALA A 278 -7.16 -9.12 -6.46
CA ALA A 278 -6.59 -7.87 -6.96
C ALA A 278 -5.67 -7.24 -5.91
N ILE A 279 -6.01 -7.41 -4.65
CA ILE A 279 -5.19 -6.85 -3.58
C ILE A 279 -3.90 -7.65 -3.48
N ARG A 280 -4.04 -8.97 -3.53
CA ARG A 280 -2.91 -9.89 -3.44
C ARG A 280 -1.87 -9.59 -4.52
N ALA A 281 -2.32 -9.25 -5.71
CA ALA A 281 -1.42 -8.96 -6.81
C ALA A 281 -0.89 -7.52 -6.78
N ASN A 282 -1.29 -6.76 -5.77
CA ASN A 282 -0.85 -5.37 -5.62
C ASN A 282 0.15 -5.23 -4.48
N TYR A 283 -0.35 -5.24 -3.24
CA TYR A 283 0.54 -5.10 -2.07
C TYR A 283 0.46 -6.31 -1.12
N SER A 284 -0.27 -7.33 -1.54
CA SER A 284 -0.43 -8.57 -0.79
C SER A 284 -1.35 -8.50 0.44
N ASN A 285 -1.08 -7.58 1.37
CA ASN A 285 -1.90 -7.39 2.57
C ASN A 285 -1.56 -6.05 3.22
N PRO A 286 -2.55 -5.38 3.83
CA PRO A 286 -2.46 -4.06 4.48
C PRO A 286 -1.63 -3.82 5.74
N PRO A 287 -1.07 -2.60 5.88
CA PRO A 287 -0.26 -2.22 7.05
C PRO A 287 -1.15 -2.18 8.28
N ALA A 288 -0.73 -2.88 9.32
CA ALA A 288 -1.49 -2.99 10.56
C ALA A 288 -1.60 -1.78 11.50
N HIS A 289 -0.51 -1.08 11.77
CA HIS A 289 -0.54 0.02 12.73
C HIS A 289 -1.69 1.01 12.67
N GLY A 290 -1.83 1.74 11.56
CA GLY A 290 -2.91 2.69 11.45
C GLY A 290 -4.29 2.10 11.70
N ALA A 291 -4.59 0.96 11.06
CA ALA A 291 -5.88 0.31 11.21
C ALA A 291 -6.10 -0.20 12.63
N SER A 292 -5.03 -0.67 13.29
CA SER A 292 -5.16 -1.14 14.67
C SER A 292 -5.61 0.02 15.56
N VAL A 293 -4.97 1.18 15.38
CA VAL A 293 -5.31 2.36 16.15
C VAL A 293 -6.80 2.70 15.97
N VAL A 294 -7.24 2.82 14.73
CA VAL A 294 -8.63 3.16 14.45
C VAL A 294 -9.62 2.15 15.05
N ALA A 295 -9.36 0.87 14.86
CA ALA A 295 -10.26 -0.16 15.38
C ALA A 295 -10.28 -0.13 16.91
N THR A 296 -9.14 0.17 17.51
CA THR A 296 -9.04 0.23 18.96
C THR A 296 -9.90 1.39 19.49
N ILE A 297 -9.86 2.52 18.79
CA ILE A 297 -10.61 3.69 19.21
C ILE A 297 -12.10 3.53 19.01
N LEU A 298 -12.49 3.03 17.84
CA LEU A 298 -13.90 2.82 17.53
C LEU A 298 -14.56 1.76 18.40
N SER A 299 -13.76 0.86 18.95
CA SER A 299 -14.28 -0.22 19.79
C SER A 299 -14.32 0.08 21.29
N ASN A 300 -13.52 1.04 21.75
CA ASN A 300 -13.49 1.40 23.15
C ASN A 300 -14.40 2.62 23.38
N ASP A 301 -15.38 2.50 24.27
CA ASP A 301 -16.31 3.60 24.54
C ASP A 301 -15.65 4.87 25.07
N ALA A 302 -14.58 4.71 25.84
CA ALA A 302 -13.87 5.86 26.41
C ALA A 302 -13.04 6.57 25.33
N LEU A 303 -12.27 5.80 24.56
CA LEU A 303 -11.44 6.37 23.50
C LEU A 303 -12.34 7.02 22.45
N ARG A 304 -13.41 6.32 22.08
CA ARG A 304 -14.36 6.80 21.11
C ARG A 304 -14.92 8.18 21.48
N ALA A 305 -15.31 8.35 22.74
CA ALA A 305 -15.87 9.62 23.19
C ALA A 305 -14.86 10.75 23.06
N ILE A 306 -13.61 10.45 23.37
CA ILE A 306 -12.55 11.44 23.27
C ILE A 306 -12.40 11.84 21.81
N TRP A 307 -12.14 10.85 20.96
CA TRP A 307 -11.98 11.07 19.52
C TRP A 307 -13.10 11.95 18.94
N GLU A 308 -14.34 11.63 19.26
CA GLU A 308 -15.48 12.41 18.75
C GLU A 308 -15.37 13.87 19.15
N GLN A 309 -14.83 14.11 20.34
CA GLN A 309 -14.67 15.47 20.82
C GLN A 309 -13.57 16.17 20.03
N GLU A 310 -12.50 15.44 19.73
CA GLU A 310 -11.39 16.00 18.97
C GLU A 310 -11.78 16.33 17.53
N LEU A 311 -12.66 15.52 16.94
CA LEU A 311 -13.10 15.75 15.59
C LEU A 311 -13.97 17.00 15.58
N THR A 312 -14.81 17.13 16.60
CA THR A 312 -15.70 18.28 16.72
C THR A 312 -14.91 19.58 16.83
N ASP A 313 -13.82 19.53 17.59
CA ASP A 313 -12.98 20.71 17.76
C ASP A 313 -12.27 21.04 16.46
N MET A 314 -11.88 20.01 15.71
CA MET A 314 -11.23 20.26 14.44
C MET A 314 -12.23 20.90 13.47
N ARG A 315 -13.45 20.35 13.43
CA ARG A 315 -14.49 20.86 12.55
C ARG A 315 -14.82 22.31 12.87
N GLN A 316 -15.07 22.59 14.14
CA GLN A 316 -15.43 23.94 14.56
C GLN A 316 -14.34 24.97 14.33
N ARG A 317 -13.07 24.62 14.56
CA ARG A 317 -12.01 25.60 14.34
C ARG A 317 -11.97 26.03 12.88
N ILE A 318 -12.22 25.09 11.97
CA ILE A 318 -12.21 25.37 10.54
C ILE A 318 -13.32 26.34 10.16
N GLN A 319 -14.52 26.09 10.67
CA GLN A 319 -15.67 26.96 10.40
C GLN A 319 -15.41 28.35 10.97
N ARG A 320 -14.74 28.39 12.11
CA ARG A 320 -14.40 29.64 12.76
C ARG A 320 -13.46 30.41 11.82
N MET A 321 -12.49 29.71 11.24
CA MET A 321 -11.55 30.35 10.33
C MET A 321 -12.26 30.88 9.08
N ARG A 322 -13.29 30.17 8.63
CA ARG A 322 -14.03 30.60 7.46
C ARG A 322 -14.60 31.99 7.70
N GLN A 323 -15.17 32.17 8.90
CA GLN A 323 -15.77 33.45 9.28
C GLN A 323 -14.71 34.54 9.39
N LEU A 324 -13.66 34.25 10.16
CA LEU A 324 -12.57 35.20 10.36
C LEU A 324 -11.91 35.59 9.03
N PHE A 325 -11.88 34.64 8.09
CA PHE A 325 -11.28 34.89 6.78
C PHE A 325 -12.10 35.95 6.04
N VAL A 326 -13.40 35.72 5.95
CA VAL A 326 -14.28 36.66 5.27
C VAL A 326 -14.27 38.05 5.92
N ASN A 327 -14.32 38.09 7.25
CA ASN A 327 -14.30 39.37 7.95
C ASN A 327 -12.99 40.12 7.71
N THR A 328 -11.87 39.44 7.87
CA THR A 328 -10.58 40.10 7.67
C THR A 328 -10.37 40.57 6.24
N LEU A 329 -10.98 39.89 5.28
CA LEU A 329 -10.86 40.32 3.88
C LEU A 329 -11.50 41.69 3.73
N GLN A 330 -12.63 41.88 4.40
CA GLN A 330 -13.33 43.15 4.34
C GLN A 330 -12.50 44.23 5.03
N GLU A 331 -12.13 43.96 6.28
CA GLU A 331 -11.36 44.92 7.06
C GLU A 331 -10.07 45.33 6.35
N LYS A 332 -9.51 44.45 5.54
CA LYS A 332 -8.27 44.77 4.85
C LYS A 332 -8.47 45.52 3.53
N GLY A 333 -9.72 45.69 3.11
CA GLY A 333 -9.99 46.43 1.89
C GLY A 333 -10.33 45.68 0.62
N ALA A 334 -11.10 44.60 0.72
CA ALA A 334 -11.49 43.86 -0.46
C ALA A 334 -12.88 44.32 -0.83
N ASN A 335 -13.07 44.63 -2.10
CA ASN A 335 -14.38 45.06 -2.57
C ASN A 335 -15.17 43.92 -3.16
N ARG A 336 -14.48 42.82 -3.46
CA ARG A 336 -15.14 41.65 -4.00
C ARG A 336 -15.80 40.96 -2.81
N ASP A 337 -17.03 40.52 -2.99
CA ASP A 337 -17.75 39.85 -1.91
C ASP A 337 -17.35 38.38 -1.82
N PHE A 338 -16.88 37.95 -0.64
CA PHE A 338 -16.46 36.57 -0.42
C PHE A 338 -17.40 35.85 0.54
N SER A 339 -18.63 36.35 0.68
CA SER A 339 -19.61 35.75 1.58
C SER A 339 -19.83 34.27 1.37
N PHE A 340 -19.71 33.82 0.12
CA PHE A 340 -19.92 32.43 -0.21
C PHE A 340 -19.00 31.46 0.53
N ILE A 341 -17.85 31.95 0.98
CA ILE A 341 -16.89 31.13 1.72
C ILE A 341 -17.55 30.50 2.95
N ILE A 342 -18.51 31.19 3.57
CA ILE A 342 -19.20 30.70 4.76
C ILE A 342 -20.15 29.53 4.47
N LYS A 343 -20.59 29.43 3.24
CA LYS A 343 -21.52 28.37 2.87
C LYS A 343 -20.80 27.08 2.47
N GLN A 344 -19.48 27.14 2.31
CA GLN A 344 -18.74 25.95 1.91
C GLN A 344 -18.39 25.00 3.06
N ASN A 345 -18.31 23.71 2.73
CA ASN A 345 -18.01 22.66 3.71
C ASN A 345 -16.62 22.04 3.66
N GLY A 346 -16.04 21.81 4.82
CA GLY A 346 -14.74 21.18 4.88
C GLY A 346 -13.51 22.06 4.92
N MET A 347 -12.39 21.45 4.58
CA MET A 347 -11.09 22.10 4.59
C MET A 347 -10.84 23.07 3.47
N PHE A 348 -11.30 22.72 2.27
CA PHE A 348 -11.03 23.56 1.11
C PHE A 348 -12.13 24.51 0.70
N SER A 349 -11.68 25.70 0.30
CA SER A 349 -12.56 26.75 -0.16
C SER A 349 -12.13 27.12 -1.57
N PHE A 350 -13.10 27.30 -2.45
CA PHE A 350 -12.81 27.68 -3.83
C PHE A 350 -12.83 29.20 -3.85
N SER A 351 -11.63 29.80 -3.72
CA SER A 351 -11.48 31.25 -3.67
C SER A 351 -11.91 31.97 -4.94
N GLY A 352 -11.79 31.29 -6.07
CA GLY A 352 -12.17 31.92 -7.33
C GLY A 352 -11.07 32.83 -7.86
N LEU A 353 -9.85 32.65 -7.37
CA LEU A 353 -8.74 33.47 -7.82
C LEU A 353 -8.19 32.81 -9.07
N THR A 354 -7.78 33.62 -10.05
CA THR A 354 -7.25 33.11 -11.31
C THR A 354 -5.85 32.54 -11.16
N LYS A 355 -5.50 31.58 -12.03
CA LYS A 355 -4.18 30.96 -11.99
C LYS A 355 -3.09 32.03 -11.88
N GLU A 356 -3.27 33.12 -12.62
CA GLU A 356 -2.30 34.22 -12.61
C GLU A 356 -2.14 34.74 -11.18
N GLN A 357 -3.25 35.11 -10.57
CA GLN A 357 -3.26 35.62 -9.22
C GLN A 357 -2.60 34.63 -8.23
N VAL A 358 -2.86 33.34 -8.42
CA VAL A 358 -2.29 32.33 -7.54
C VAL A 358 -0.77 32.33 -7.64
N LEU A 359 -0.26 32.46 -8.85
CA LEU A 359 1.18 32.47 -9.10
C LEU A 359 1.80 33.74 -8.52
N ARG A 360 1.05 34.84 -8.58
CA ARG A 360 1.52 36.11 -8.07
C ARG A 360 1.64 36.06 -6.55
N LEU A 361 0.65 35.46 -5.90
CA LEU A 361 0.66 35.33 -4.45
C LEU A 361 1.85 34.50 -4.00
N ARG A 362 2.17 33.49 -4.79
CA ARG A 362 3.28 32.60 -4.47
C ARG A 362 4.65 33.24 -4.61
N GLU A 363 4.95 33.75 -5.80
CA GLU A 363 6.26 34.34 -6.04
C GLU A 363 6.45 35.77 -5.54
N GLU A 364 5.37 36.46 -5.24
CA GLU A 364 5.46 37.84 -4.82
C GLU A 364 5.15 38.08 -3.34
N PHE A 365 4.34 37.23 -2.73
CA PHE A 365 3.96 37.39 -1.33
C PHE A 365 4.28 36.17 -0.48
N GLY A 366 4.83 35.14 -1.10
CA GLY A 366 5.16 33.93 -0.35
C GLY A 366 3.95 33.17 0.17
N VAL A 367 2.82 33.30 -0.50
CA VAL A 367 1.60 32.60 -0.11
C VAL A 367 1.31 31.51 -1.14
N TYR A 368 1.18 30.27 -0.68
CA TYR A 368 0.93 29.15 -1.58
C TYR A 368 -0.46 28.55 -1.54
N ALA A 369 -1.02 28.36 -2.73
CA ALA A 369 -2.34 27.77 -2.91
C ALA A 369 -2.24 26.95 -4.20
N VAL A 370 -3.15 25.99 -4.37
CA VAL A 370 -3.15 25.17 -5.56
C VAL A 370 -3.57 26.08 -6.72
N ALA A 371 -2.98 25.86 -7.89
CA ALA A 371 -3.24 26.68 -9.08
C ALA A 371 -4.69 26.80 -9.51
N SER A 372 -5.56 25.96 -8.97
CA SER A 372 -6.98 26.00 -9.31
C SER A 372 -7.70 27.08 -8.50
N GLY A 373 -6.99 27.67 -7.55
CA GLY A 373 -7.60 28.70 -6.74
C GLY A 373 -8.11 28.12 -5.43
N ARG A 374 -7.91 26.83 -5.25
CA ARG A 374 -8.34 26.14 -4.03
C ARG A 374 -7.41 26.58 -2.91
N VAL A 375 -7.98 26.92 -1.76
CA VAL A 375 -7.17 27.35 -0.63
C VAL A 375 -7.55 26.51 0.60
N ASN A 376 -6.55 26.10 1.38
CA ASN A 376 -6.82 25.29 2.58
C ASN A 376 -7.17 26.15 3.78
N VAL A 377 -8.44 26.17 4.15
CA VAL A 377 -8.91 26.95 5.28
C VAL A 377 -8.38 26.38 6.60
N ALA A 378 -8.09 25.09 6.63
CA ALA A 378 -7.57 24.45 7.83
C ALA A 378 -6.15 24.93 8.11
N GLY A 379 -5.55 25.60 7.13
CA GLY A 379 -4.20 26.08 7.32
C GLY A 379 -4.15 27.52 7.80
N MET A 380 -5.31 28.14 7.99
CA MET A 380 -5.36 29.51 8.44
C MET A 380 -5.34 29.60 9.95
N THR A 381 -4.56 30.54 10.47
CA THR A 381 -4.48 30.74 11.92
C THR A 381 -4.62 32.22 12.26
N PRO A 382 -4.93 32.52 13.52
CA PRO A 382 -5.08 33.91 13.94
C PRO A 382 -3.79 34.69 13.65
N ASP A 383 -2.67 33.97 13.63
CA ASP A 383 -1.37 34.60 13.38
C ASP A 383 -1.01 34.89 11.93
N ASN A 384 -1.52 34.11 10.98
CA ASN A 384 -1.18 34.38 9.59
C ASN A 384 -2.36 34.95 8.80
N MET A 385 -3.50 35.10 9.46
CA MET A 385 -4.70 35.61 8.77
C MET A 385 -4.53 37.00 8.16
N ALA A 386 -3.96 37.93 8.93
CA ALA A 386 -3.78 39.30 8.45
C ALA A 386 -2.83 39.36 7.27
N PRO A 387 -1.63 38.75 7.40
CA PRO A 387 -0.66 38.77 6.29
C PRO A 387 -1.29 38.12 5.06
N LEU A 388 -2.04 37.05 5.30
CA LEU A 388 -2.72 36.31 4.26
C LEU A 388 -3.74 37.19 3.53
N CYS A 389 -4.67 37.74 4.29
CA CYS A 389 -5.71 38.58 3.70
C CYS A 389 -5.12 39.80 2.98
N GLU A 390 -4.08 40.39 3.55
CA GLU A 390 -3.45 41.55 2.94
C GLU A 390 -2.87 41.22 1.58
N ALA A 391 -2.30 40.03 1.44
CA ALA A 391 -1.72 39.61 0.17
C ALA A 391 -2.79 39.45 -0.90
N ILE A 392 -3.85 38.74 -0.56
CA ILE A 392 -4.96 38.49 -1.47
C ILE A 392 -5.54 39.79 -2.00
N VAL A 393 -5.77 40.74 -1.10
CA VAL A 393 -6.32 42.04 -1.48
C VAL A 393 -5.40 42.73 -2.50
N ALA A 394 -4.09 42.50 -2.35
CA ALA A 394 -3.10 43.11 -3.23
C ALA A 394 -3.20 42.59 -4.66
N VAL A 395 -3.47 41.29 -4.80
CA VAL A 395 -3.58 40.64 -6.10
C VAL A 395 -4.98 40.81 -6.72
N LEU A 396 -5.88 41.45 -6.00
CA LEU A 396 -7.23 41.65 -6.50
C LEU A 396 -7.37 42.83 -7.45
N MET B 1 -24.41 -6.25 -12.22
CA MET B 1 -23.00 -5.91 -12.57
C MET B 1 -22.09 -6.91 -11.85
N PHE B 2 -22.52 -7.40 -10.70
CA PHE B 2 -21.72 -8.35 -9.94
C PHE B 2 -22.26 -9.78 -10.02
N GLU B 3 -23.45 -9.95 -10.56
CA GLU B 3 -24.09 -11.27 -10.66
C GLU B 3 -23.28 -12.36 -11.35
N ASN B 4 -22.53 -12.01 -12.38
CA ASN B 4 -21.75 -13.02 -13.11
C ASN B 4 -20.28 -13.17 -12.74
N ILE B 5 -19.82 -12.45 -11.73
CA ILE B 5 -18.43 -12.60 -11.36
C ILE B 5 -18.19 -14.03 -10.87
N THR B 6 -17.17 -14.67 -11.41
CA THR B 6 -16.85 -16.02 -11.00
C THR B 6 -15.89 -15.93 -9.81
N ALA B 7 -16.16 -16.71 -8.76
CA ALA B 7 -15.32 -16.70 -7.57
C ALA B 7 -13.86 -16.95 -7.87
N ALA B 8 -13.00 -16.44 -7.00
CA ALA B 8 -11.57 -16.60 -7.15
C ALA B 8 -11.10 -17.78 -6.32
N PRO B 9 -10.12 -18.53 -6.83
CA PRO B 9 -9.60 -19.68 -6.08
C PRO B 9 -8.76 -19.15 -4.93
N ALA B 10 -8.65 -19.92 -3.85
CA ALA B 10 -7.85 -19.50 -2.71
C ALA B 10 -6.39 -19.31 -3.09
N ASP B 11 -5.68 -18.47 -2.34
CA ASP B 11 -4.27 -18.26 -2.61
C ASP B 11 -3.54 -19.52 -2.13
N PRO B 12 -2.65 -20.06 -2.95
CA PRO B 12 -1.91 -21.28 -2.55
C PRO B 12 -1.14 -21.18 -1.22
N ILE B 13 -0.75 -19.97 -0.84
CA ILE B 13 -0.03 -19.79 0.40
C ILE B 13 -0.95 -19.25 1.50
N LEU B 14 -1.54 -18.09 1.27
CA LEU B 14 -2.43 -17.46 2.24
C LEU B 14 -3.68 -18.29 2.54
N GLY B 15 -4.24 -18.93 1.52
CA GLY B 15 -5.41 -19.76 1.75
C GLY B 15 -5.17 -20.71 2.91
N LEU B 16 -4.02 -21.39 2.88
CA LEU B 16 -3.62 -22.34 3.91
C LEU B 16 -3.77 -21.83 5.33
N ALA B 17 -3.34 -20.59 5.56
CA ALA B 17 -3.42 -19.99 6.87
C ALA B 17 -4.85 -19.96 7.42
N ASP B 18 -5.82 -19.75 6.53
CA ASP B 18 -7.20 -19.71 6.97
C ASP B 18 -7.71 -21.10 7.33
N LEU B 19 -7.23 -22.11 6.60
CA LEU B 19 -7.63 -23.49 6.87
C LEU B 19 -7.00 -23.92 8.19
N PHE B 20 -5.73 -23.55 8.38
CA PHE B 20 -5.01 -23.89 9.59
C PHE B 20 -5.71 -23.27 10.80
N ARG B 21 -6.04 -21.98 10.69
CA ARG B 21 -6.71 -21.29 11.79
C ARG B 21 -8.01 -21.98 12.16
N ALA B 22 -8.73 -22.51 11.16
CA ALA B 22 -10.00 -23.18 11.40
C ALA B 22 -9.88 -24.58 11.98
N ASP B 23 -8.88 -25.34 11.50
CA ASP B 23 -8.69 -26.71 11.97
C ASP B 23 -8.77 -26.79 13.49
N GLU B 24 -9.60 -27.69 13.99
CA GLU B 24 -9.79 -27.86 15.42
C GLU B 24 -8.87 -28.85 16.13
N ARG B 25 -8.14 -29.67 15.39
CA ARG B 25 -7.24 -30.62 16.03
C ARG B 25 -6.27 -29.83 16.90
N PRO B 26 -6.12 -30.23 18.17
CA PRO B 26 -5.19 -29.51 19.05
C PRO B 26 -3.71 -29.66 18.67
N GLY B 27 -3.37 -30.75 17.97
CA GLY B 27 -2.00 -30.96 17.58
C GLY B 27 -1.59 -30.46 16.19
N LYS B 28 -2.32 -29.51 15.61
CA LYS B 28 -1.99 -28.98 14.27
C LYS B 28 -0.57 -28.45 14.20
N ILE B 29 0.05 -28.56 13.03
CA ILE B 29 1.39 -28.04 12.81
C ILE B 29 1.38 -27.20 11.54
N ASN B 30 1.72 -25.92 11.67
CA ASN B 30 1.75 -25.01 10.54
C ASN B 30 3.15 -24.86 9.95
N LEU B 31 3.33 -25.36 8.73
CA LEU B 31 4.62 -25.29 8.05
C LEU B 31 4.46 -24.61 6.69
N GLY B 32 3.42 -23.78 6.56
CA GLY B 32 3.14 -23.11 5.31
C GLY B 32 3.79 -21.75 5.07
N ILE B 33 3.13 -20.69 5.51
CA ILE B 33 3.62 -19.33 5.34
C ILE B 33 5.04 -19.17 5.86
N GLY B 34 5.83 -18.37 5.13
CA GLY B 34 7.21 -18.13 5.51
C GLY B 34 7.37 -17.10 6.61
N VAL B 35 6.97 -17.48 7.81
CA VAL B 35 7.09 -16.61 8.98
C VAL B 35 8.01 -17.28 9.97
N TYR B 36 8.85 -16.50 10.63
CA TYR B 36 9.78 -17.06 11.61
C TYR B 36 9.09 -17.42 12.92
N LYS B 37 9.69 -18.34 13.66
CA LYS B 37 9.16 -18.77 14.94
C LYS B 37 10.34 -19.10 15.82
N ASP B 38 10.26 -18.74 17.11
CA ASP B 38 11.33 -19.03 18.05
C ASP B 38 11.18 -20.45 18.61
N GLU B 39 12.14 -20.89 19.42
CA GLU B 39 12.11 -22.23 19.98
C GLU B 39 10.78 -22.59 20.66
N THR B 40 9.98 -21.59 21.03
CA THR B 40 8.70 -21.85 21.69
C THR B 40 7.48 -21.88 20.78
N GLY B 41 7.70 -21.72 19.47
CA GLY B 41 6.57 -21.76 18.53
C GLY B 41 5.79 -20.48 18.29
N LYS B 42 6.31 -19.35 18.72
CA LYS B 42 5.62 -18.07 18.52
C LYS B 42 6.42 -17.17 17.58
N THR B 43 5.75 -16.22 16.93
CA THR B 43 6.43 -15.27 16.03
C THR B 43 6.50 -13.96 16.81
N PRO B 44 7.57 -13.79 17.60
CA PRO B 44 7.79 -12.59 18.42
C PRO B 44 8.16 -11.32 17.68
N VAL B 45 8.08 -10.21 18.41
CA VAL B 45 8.47 -8.91 17.89
C VAL B 45 9.91 -8.78 18.38
N LEU B 46 10.84 -8.47 17.48
CA LEU B 46 12.24 -8.32 17.91
C LEU B 46 12.34 -7.26 18.99
N THR B 47 13.32 -7.42 19.88
CA THR B 47 13.53 -6.47 20.96
C THR B 47 13.99 -5.12 20.41
N SER B 48 14.76 -5.15 19.33
CA SER B 48 15.24 -3.93 18.70
C SER B 48 14.01 -3.14 18.20
N VAL B 49 13.10 -3.85 17.54
CA VAL B 49 11.87 -3.25 17.02
C VAL B 49 11.04 -2.61 18.13
N LYS B 50 10.77 -3.37 19.19
CA LYS B 50 10.00 -2.87 20.32
C LYS B 50 10.61 -1.60 20.91
N LYS B 51 11.94 -1.52 20.96
CA LYS B 51 12.59 -0.33 21.48
C LYS B 51 12.35 0.85 20.56
N ALA B 52 12.50 0.63 19.25
CA ALA B 52 12.29 1.69 18.29
C ALA B 52 10.85 2.21 18.35
N GLU B 53 9.88 1.32 18.53
CA GLU B 53 8.49 1.76 18.60
C GLU B 53 8.28 2.66 19.81
N GLN B 54 9.00 2.35 20.88
CA GLN B 54 8.92 3.12 22.12
C GLN B 54 9.45 4.54 21.86
N TYR B 55 10.57 4.65 21.14
CA TYR B 55 11.13 5.95 20.82
C TYR B 55 10.11 6.70 19.97
N LEU B 56 9.57 6.02 18.96
CA LEU B 56 8.57 6.62 18.08
C LEU B 56 7.36 7.10 18.85
N LEU B 57 6.84 6.26 19.72
CA LEU B 57 5.68 6.64 20.52
C LEU B 57 5.92 7.91 21.32
N GLU B 58 7.12 8.03 21.89
CA GLU B 58 7.41 9.19 22.71
C GLU B 58 8.04 10.37 21.98
N ASN B 59 8.23 10.28 20.68
CA ASN B 59 8.84 11.39 19.98
C ASN B 59 8.15 11.92 18.72
N GLU B 60 7.19 11.16 18.18
CA GLU B 60 6.49 11.62 16.99
C GLU B 60 5.59 12.78 17.37
N THR B 61 5.68 13.88 16.64
CA THR B 61 4.86 15.05 16.93
C THR B 61 3.77 15.21 15.89
N THR B 62 3.90 14.49 14.78
CA THR B 62 2.90 14.57 13.72
C THR B 62 2.81 13.31 12.87
N LYS B 63 1.68 13.11 12.21
CA LYS B 63 1.46 11.97 11.34
C LYS B 63 1.29 12.50 9.91
N ASN B 64 1.89 13.65 9.64
CA ASN B 64 1.79 14.30 8.33
C ASN B 64 2.37 13.44 7.21
N TYR B 65 1.70 13.47 6.05
CA TYR B 65 2.11 12.72 4.87
C TYR B 65 3.63 12.67 4.63
N LEU B 66 4.09 11.52 4.18
CA LEU B 66 5.51 11.28 3.95
C LEU B 66 6.10 11.72 2.63
N GLY B 67 5.31 11.84 1.58
CA GLY B 67 5.91 12.21 0.32
C GLY B 67 6.08 10.93 -0.47
N ILE B 68 5.60 10.94 -1.71
CA ILE B 68 5.61 9.79 -2.60
C ILE B 68 6.66 8.69 -2.39
N ASP B 69 7.92 9.08 -2.29
CA ASP B 69 8.98 8.08 -2.13
C ASP B 69 9.35 7.68 -0.71
N GLY B 70 8.65 8.24 0.28
CA GLY B 70 8.90 7.89 1.67
C GLY B 70 9.98 8.59 2.45
N ILE B 71 10.37 7.96 3.56
CA ILE B 71 11.40 8.49 4.44
C ILE B 71 12.76 8.43 3.75
N PRO B 72 13.41 9.58 3.54
CA PRO B 72 14.72 9.71 2.88
C PRO B 72 15.82 8.82 3.47
N GLU B 73 16.00 8.90 4.78
CA GLU B 73 17.02 8.11 5.47
C GLU B 73 16.82 6.65 5.11
N PHE B 74 15.56 6.22 5.17
CA PHE B 74 15.19 4.85 4.84
C PHE B 74 15.79 4.50 3.49
N GLY B 75 15.58 5.36 2.51
CA GLY B 75 16.11 5.13 1.18
C GLY B 75 17.63 5.01 1.15
N ARG B 76 18.31 5.86 1.89
CA ARG B 76 19.77 5.82 1.93
C ARG B 76 20.26 4.54 2.63
N CYS B 77 19.63 4.22 3.76
CA CYS B 77 20.00 3.02 4.50
C CYS B 77 19.84 1.73 3.70
N THR B 78 18.78 1.59 2.91
CA THR B 78 18.62 0.35 2.16
C THR B 78 19.60 0.26 1.01
N GLN B 79 20.01 1.40 0.47
CA GLN B 79 20.97 1.40 -0.63
C GLN B 79 22.37 0.94 -0.20
N GLU B 80 22.76 1.24 1.03
CA GLU B 80 24.07 0.83 1.51
C GLU B 80 24.06 -0.69 1.78
N LEU B 81 22.94 -1.19 2.32
CA LEU B 81 22.78 -2.63 2.58
C LEU B 81 22.83 -3.39 1.27
N LEU B 82 22.17 -2.86 0.25
CA LEU B 82 22.12 -3.51 -1.05
C LEU B 82 23.40 -3.36 -1.85
N PHE B 83 24.06 -2.23 -1.69
CA PHE B 83 25.27 -1.97 -2.47
C PHE B 83 26.58 -1.81 -1.73
N GLY B 84 26.51 -1.49 -0.45
CA GLY B 84 27.74 -1.34 0.30
C GLY B 84 28.06 0.12 0.55
N LYS B 85 28.50 0.41 1.78
CA LYS B 85 28.83 1.76 2.23
C LYS B 85 29.47 2.66 1.17
N GLY B 86 30.55 2.21 0.57
CA GLY B 86 31.22 3.06 -0.42
C GLY B 86 30.95 2.74 -1.88
N SER B 87 29.80 2.14 -2.18
CA SER B 87 29.47 1.80 -3.56
C SER B 87 29.59 3.00 -4.50
N ALA B 88 29.99 2.73 -5.74
CA ALA B 88 30.14 3.77 -6.75
C ALA B 88 28.78 4.13 -7.32
N LEU B 89 27.83 3.20 -7.21
CA LEU B 89 26.50 3.43 -7.70
C LEU B 89 25.90 4.54 -6.85
N ILE B 90 26.27 4.55 -5.57
CA ILE B 90 25.75 5.56 -4.66
C ILE B 90 26.46 6.90 -4.87
N ASN B 91 27.79 6.83 -4.98
CA ASN B 91 28.60 8.03 -5.17
C ASN B 91 28.23 8.77 -6.45
N ASP B 92 28.15 8.04 -7.55
CA ASP B 92 27.78 8.65 -8.83
C ASP B 92 26.30 9.02 -8.84
N LYS B 93 25.65 8.84 -7.69
CA LYS B 93 24.23 9.14 -7.55
C LYS B 93 23.43 8.53 -8.71
N ARG B 94 23.60 7.22 -8.91
CA ARG B 94 22.92 6.51 -9.98
C ARG B 94 21.66 5.75 -9.53
N ALA B 95 21.40 5.72 -8.23
CA ALA B 95 20.23 4.97 -7.75
C ALA B 95 19.21 5.80 -7.01
N ARG B 96 17.93 5.50 -7.25
CA ARG B 96 16.83 6.18 -6.59
C ARG B 96 15.97 5.13 -5.92
N THR B 97 15.69 5.32 -4.63
CA THR B 97 14.90 4.35 -3.88
C THR B 97 13.56 4.90 -3.40
N ALA B 98 12.53 4.11 -3.59
CA ALA B 98 11.20 4.49 -3.14
C ALA B 98 10.72 3.48 -2.08
N GLN B 99 10.31 4.01 -0.94
CA GLN B 99 9.80 3.18 0.14
C GLN B 99 8.43 2.66 -0.33
N THR B 100 8.22 1.35 -0.23
CA THR B 100 6.95 0.76 -0.69
C THR B 100 6.29 -0.10 0.37
N PRO B 101 4.99 -0.43 0.17
CA PRO B 101 4.29 -1.25 1.15
C PRO B 101 4.66 -2.73 0.98
N GLY B 102 5.78 -3.10 1.57
CA GLY B 102 6.26 -4.47 1.49
C GLY B 102 7.00 -4.77 0.20
N GLY B 103 7.59 -5.97 0.13
CA GLY B 103 8.30 -6.37 -1.05
C GLY B 103 7.33 -6.58 -2.20
N THR B 104 6.14 -7.07 -1.87
CA THR B 104 5.12 -7.29 -2.89
C THR B 104 4.76 -5.96 -3.57
N GLY B 105 4.66 -4.90 -2.76
CA GLY B 105 4.35 -3.58 -3.28
C GLY B 105 5.47 -3.11 -4.18
N ALA B 106 6.70 -3.41 -3.80
CA ALA B 106 7.86 -3.02 -4.60
C ALA B 106 7.79 -3.69 -5.97
N LEU B 107 7.31 -4.94 -5.99
CA LEU B 107 7.19 -5.68 -7.24
C LEU B 107 6.11 -5.06 -8.13
N ARG B 108 4.97 -4.68 -7.54
CA ARG B 108 3.91 -4.08 -8.33
C ARG B 108 4.30 -2.70 -8.89
N VAL B 109 4.89 -1.83 -8.07
CA VAL B 109 5.25 -0.52 -8.60
C VAL B 109 6.24 -0.66 -9.75
N ALA B 110 7.19 -1.58 -9.62
CA ALA B 110 8.18 -1.82 -10.67
C ALA B 110 7.46 -2.31 -11.93
N ALA B 111 6.49 -3.19 -11.76
CA ALA B 111 5.74 -3.73 -12.88
C ALA B 111 4.90 -2.68 -13.60
N ASP B 112 4.30 -1.77 -12.84
CA ASP B 112 3.48 -0.70 -13.39
C ASP B 112 4.39 0.32 -14.08
N PHE B 113 5.56 0.52 -13.50
CA PHE B 113 6.53 1.46 -14.04
C PHE B 113 6.96 1.00 -15.43
N LEU B 114 7.37 -0.26 -15.53
CA LEU B 114 7.81 -0.82 -16.80
C LEU B 114 6.74 -0.85 -17.89
N ALA B 115 5.59 -1.41 -17.58
CA ALA B 115 4.50 -1.52 -18.56
C ALA B 115 3.94 -0.17 -19.04
N LYS B 116 4.10 0.87 -18.25
CA LYS B 116 3.56 2.17 -18.65
C LYS B 116 4.55 3.19 -19.22
N ASN B 117 5.85 2.91 -19.11
CA ASN B 117 6.84 3.86 -19.60
C ASN B 117 7.95 3.29 -20.47
N THR B 118 7.87 2.01 -20.83
CA THR B 118 8.89 1.42 -21.68
C THR B 118 8.25 0.50 -22.69
N SER B 119 9.10 -0.22 -23.41
CA SER B 119 8.64 -1.14 -24.43
C SER B 119 8.54 -2.57 -23.91
N VAL B 120 9.05 -2.80 -22.69
CA VAL B 120 9.03 -4.13 -22.09
C VAL B 120 7.68 -4.84 -22.22
N LYS B 121 7.71 -6.10 -22.63
CA LYS B 121 6.48 -6.87 -22.81
C LYS B 121 6.49 -8.21 -22.07
N ARG B 122 7.67 -8.85 -22.01
CA ARG B 122 7.80 -10.15 -21.34
C ARG B 122 8.64 -10.09 -20.06
N VAL B 123 8.34 -10.99 -19.12
CA VAL B 123 9.08 -11.08 -17.87
C VAL B 123 9.46 -12.54 -17.64
N TRP B 124 10.74 -12.78 -17.36
CA TRP B 124 11.24 -14.13 -17.13
C TRP B 124 11.35 -14.51 -15.65
N VAL B 125 10.64 -15.58 -15.27
CA VAL B 125 10.63 -16.05 -13.90
C VAL B 125 11.11 -17.49 -13.75
N SER B 126 11.97 -17.73 -12.77
CA SER B 126 12.48 -19.08 -12.54
C SER B 126 11.34 -20.07 -12.37
N ASN B 127 11.61 -21.32 -12.69
CA ASN B 127 10.64 -22.39 -12.56
C ASN B 127 11.27 -23.46 -11.66
N PRO B 128 10.71 -23.66 -10.45
CA PRO B 128 9.56 -22.98 -9.87
C PRO B 128 9.95 -21.65 -9.23
N SER B 129 8.97 -20.96 -8.66
CA SER B 129 9.24 -19.69 -7.99
C SER B 129 8.06 -19.34 -7.08
N TRP B 130 8.14 -18.19 -6.44
CA TRP B 130 7.07 -17.73 -5.56
C TRP B 130 5.85 -17.54 -6.48
N PRO B 131 4.77 -18.30 -6.22
CA PRO B 131 3.52 -18.24 -7.00
C PRO B 131 2.97 -16.86 -7.35
N ASN B 132 3.07 -15.92 -6.40
CA ASN B 132 2.54 -14.58 -6.61
C ASN B 132 3.33 -13.75 -7.64
N HIS B 133 4.50 -14.22 -8.04
CA HIS B 133 5.32 -13.51 -9.02
C HIS B 133 4.58 -13.35 -10.35
N LYS B 134 3.84 -14.37 -10.75
CA LYS B 134 3.10 -14.32 -12.00
C LYS B 134 1.88 -13.41 -11.91
N SER B 135 1.18 -13.46 -10.78
CA SER B 135 -0.01 -12.63 -10.57
C SER B 135 0.32 -11.15 -10.60
N VAL B 136 1.39 -10.78 -9.93
CA VAL B 136 1.83 -9.39 -9.89
C VAL B 136 2.08 -8.89 -11.32
N PHE B 137 2.97 -9.56 -12.04
CA PHE B 137 3.29 -9.13 -13.41
C PHE B 137 2.13 -9.22 -14.41
N ASN B 138 1.34 -10.28 -14.36
CA ASN B 138 0.22 -10.36 -15.30
C ASN B 138 -0.77 -9.21 -15.07
N SER B 139 -0.92 -8.77 -13.82
CA SER B 139 -1.85 -7.69 -13.50
C SER B 139 -1.45 -6.35 -14.09
N ALA B 140 -0.16 -6.18 -14.36
CA ALA B 140 0.34 -4.95 -14.95
C ALA B 140 0.35 -5.07 -16.48
N GLY B 141 -0.17 -6.17 -17.00
CA GLY B 141 -0.20 -6.37 -18.43
C GLY B 141 1.05 -6.98 -19.03
N LEU B 142 2.04 -7.32 -18.20
CA LEU B 142 3.26 -7.93 -18.69
C LEU B 142 3.11 -9.44 -18.84
N GLU B 143 3.62 -9.98 -19.95
CA GLU B 143 3.58 -11.42 -20.22
C GLU B 143 4.63 -12.07 -19.34
N VAL B 144 4.39 -13.32 -18.91
CA VAL B 144 5.33 -14.01 -18.04
C VAL B 144 5.85 -15.33 -18.63
N ARG B 145 7.17 -15.47 -18.69
CA ARG B 145 7.81 -16.68 -19.21
C ARG B 145 8.70 -17.31 -18.14
N GLU B 146 8.73 -18.64 -18.11
CA GLU B 146 9.52 -19.36 -17.12
C GLU B 146 10.80 -20.00 -17.66
N TYR B 147 11.83 -20.03 -16.84
CA TYR B 147 13.10 -20.66 -17.22
C TYR B 147 13.49 -21.76 -16.23
N ALA B 148 14.07 -22.84 -16.76
CA ALA B 148 14.51 -23.98 -15.95
C ALA B 148 15.45 -23.51 -14.85
N TYR B 149 15.48 -24.25 -13.74
CA TYR B 149 16.31 -23.86 -12.61
C TYR B 149 16.70 -25.03 -11.73
N TYR B 150 15.70 -25.76 -11.26
CA TYR B 150 15.90 -26.86 -10.32
C TYR B 150 16.06 -28.27 -10.90
N ASP B 151 17.10 -28.97 -10.44
CA ASP B 151 17.35 -30.36 -10.85
C ASP B 151 16.64 -31.24 -9.82
N ALA B 152 15.46 -31.75 -10.18
CA ALA B 152 14.70 -32.60 -9.27
C ALA B 152 15.53 -33.77 -8.74
N GLU B 153 15.93 -34.65 -9.65
CA GLU B 153 16.73 -35.83 -9.32
C GLU B 153 17.93 -35.54 -8.39
N ASN B 154 18.75 -34.56 -8.74
CA ASN B 154 19.92 -34.26 -7.93
C ASN B 154 19.67 -33.23 -6.83
N HIS B 155 18.45 -32.72 -6.76
CA HIS B 155 18.09 -31.70 -5.77
C HIS B 155 19.14 -30.60 -5.82
N THR B 156 19.48 -30.17 -7.03
CA THR B 156 20.49 -29.13 -7.18
C THR B 156 20.09 -28.13 -8.27
N LEU B 157 20.98 -27.20 -8.59
CA LEU B 157 20.73 -26.21 -9.61
C LEU B 157 21.16 -26.77 -10.97
N ASP B 158 20.25 -26.74 -11.95
CA ASP B 158 20.56 -27.23 -13.29
C ASP B 158 21.09 -26.07 -14.15
N PHE B 159 22.28 -25.58 -13.81
CA PHE B 159 22.90 -24.47 -14.53
C PHE B 159 22.85 -24.62 -16.04
N ASP B 160 22.77 -25.85 -16.54
CA ASP B 160 22.71 -26.07 -17.97
C ASP B 160 21.31 -25.82 -18.50
N ALA B 161 20.32 -26.29 -17.77
CA ALA B 161 18.94 -26.11 -18.18
C ALA B 161 18.59 -24.62 -18.07
N LEU B 162 19.22 -23.94 -17.12
CA LEU B 162 18.98 -22.53 -16.89
C LEU B 162 19.46 -21.69 -18.08
N ILE B 163 20.75 -21.75 -18.36
CA ILE B 163 21.33 -20.99 -19.46
C ILE B 163 20.75 -21.32 -20.84
N ASN B 164 20.31 -22.57 -21.04
CA ASN B 164 19.73 -22.94 -22.32
C ASN B 164 18.36 -22.28 -22.47
N SER B 165 17.62 -22.24 -21.37
CA SER B 165 16.29 -21.64 -21.35
C SER B 165 16.37 -20.14 -21.62
N LEU B 166 17.29 -19.47 -20.94
CA LEU B 166 17.46 -18.03 -21.08
C LEU B 166 18.02 -17.58 -22.40
N ASN B 167 18.40 -18.53 -23.26
CA ASN B 167 18.93 -18.17 -24.57
C ASN B 167 17.79 -17.61 -25.40
N GLU B 168 16.57 -17.90 -24.97
CA GLU B 168 15.37 -17.43 -25.68
C GLU B 168 14.90 -16.05 -25.23
N ALA B 169 15.57 -15.45 -24.25
CA ALA B 169 15.18 -14.14 -23.76
C ALA B 169 15.72 -13.04 -24.67
N GLN B 170 14.85 -12.51 -25.53
CA GLN B 170 15.24 -11.46 -26.47
C GLN B 170 15.80 -10.25 -25.73
N ALA B 171 16.43 -9.34 -26.45
CA ALA B 171 16.99 -8.14 -25.84
C ALA B 171 15.85 -7.24 -25.37
N GLY B 172 16.06 -6.52 -24.27
CA GLY B 172 15.02 -5.66 -23.76
C GLY B 172 14.04 -6.38 -22.84
N ASP B 173 14.11 -7.72 -22.83
CA ASP B 173 13.26 -8.51 -21.96
C ASP B 173 13.73 -8.34 -20.52
N VAL B 174 12.85 -8.63 -19.57
CA VAL B 174 13.18 -8.53 -18.14
C VAL B 174 13.36 -9.93 -17.56
N VAL B 175 14.40 -10.11 -16.75
CA VAL B 175 14.66 -11.41 -16.16
C VAL B 175 14.78 -11.29 -14.65
N LEU B 176 13.86 -11.96 -13.96
CA LEU B 176 13.76 -11.95 -12.49
C LEU B 176 14.76 -12.90 -11.83
N PHE B 177 15.48 -12.39 -10.84
CA PHE B 177 16.45 -13.19 -10.10
C PHE B 177 16.17 -13.09 -8.60
N HIS B 178 16.28 -14.20 -7.87
CA HIS B 178 16.08 -14.13 -6.42
C HIS B 178 17.47 -13.80 -5.87
N GLY B 179 17.57 -12.74 -5.07
CA GLY B 179 18.86 -12.35 -4.52
C GLY B 179 19.60 -13.48 -3.84
N CYS B 180 18.89 -14.19 -2.96
CA CYS B 180 19.44 -15.30 -2.21
C CYS B 180 18.24 -16.00 -1.60
N CYS B 181 18.46 -17.17 -1.02
CA CYS B 181 17.38 -17.92 -0.40
C CYS B 181 16.23 -18.07 -1.38
N HIS B 182 16.53 -18.68 -2.52
CA HIS B 182 15.54 -18.92 -3.55
C HIS B 182 14.28 -19.57 -2.96
N ASN B 183 13.12 -19.15 -3.47
CA ASN B 183 11.83 -19.64 -3.02
C ASN B 183 11.19 -20.28 -4.25
N PRO B 184 10.81 -21.58 -4.14
CA PRO B 184 10.90 -22.48 -2.99
C PRO B 184 12.06 -23.47 -2.87
N THR B 185 13.04 -23.44 -3.77
CA THR B 185 14.11 -24.42 -3.71
C THR B 185 15.18 -24.29 -2.64
N GLY B 186 15.57 -23.06 -2.31
CA GLY B 186 16.60 -22.88 -1.30
C GLY B 186 17.99 -23.03 -1.89
N ILE B 187 18.06 -23.23 -3.20
CA ILE B 187 19.34 -23.40 -3.88
C ILE B 187 19.70 -22.14 -4.66
N ASP B 188 20.74 -21.45 -4.19
CA ASP B 188 21.21 -20.23 -4.84
C ASP B 188 22.47 -20.50 -5.67
N PRO B 189 22.77 -19.61 -6.62
CA PRO B 189 23.97 -19.79 -7.44
C PRO B 189 25.21 -19.40 -6.62
N THR B 190 26.37 -19.92 -7.00
CA THR B 190 27.61 -19.58 -6.30
C THR B 190 28.07 -18.27 -6.94
N LEU B 191 28.99 -17.57 -6.29
CA LEU B 191 29.46 -16.31 -6.85
C LEU B 191 29.85 -16.54 -8.30
N GLU B 192 30.61 -17.60 -8.53
CA GLU B 192 31.07 -17.95 -9.88
C GLU B 192 29.92 -17.96 -10.88
N GLN B 193 28.81 -18.55 -10.49
CA GLN B 193 27.64 -18.63 -11.36
C GLN B 193 26.99 -17.26 -11.53
N TRP B 194 27.04 -16.45 -10.48
CA TRP B 194 26.49 -15.12 -10.56
C TRP B 194 27.33 -14.33 -11.56
N GLN B 195 28.65 -14.49 -11.46
CA GLN B 195 29.60 -13.81 -12.36
C GLN B 195 29.19 -14.06 -13.80
N THR B 196 29.01 -15.33 -14.11
CA THR B 196 28.61 -15.74 -15.45
C THR B 196 27.32 -15.05 -15.86
N LEU B 197 26.23 -15.32 -15.14
CA LEU B 197 24.94 -14.74 -15.45
C LEU B 197 24.99 -13.22 -15.67
N ALA B 198 25.82 -12.54 -14.88
CA ALA B 198 25.98 -11.09 -14.97
C ALA B 198 26.53 -10.68 -16.35
N GLN B 199 27.64 -11.30 -16.75
CA GLN B 199 28.27 -11.00 -18.03
C GLN B 199 27.36 -11.41 -19.19
N LEU B 200 26.73 -12.57 -19.05
CA LEU B 200 25.83 -13.06 -20.10
C LEU B 200 24.62 -12.15 -20.17
N SER B 201 24.31 -11.53 -19.02
CA SER B 201 23.19 -10.62 -18.91
C SER B 201 23.45 -9.37 -19.75
N VAL B 202 24.66 -8.82 -19.63
CA VAL B 202 25.03 -7.63 -20.39
C VAL B 202 25.15 -7.94 -21.88
N GLU B 203 25.60 -9.16 -22.20
CA GLU B 203 25.76 -9.56 -23.59
C GLU B 203 24.41 -9.75 -24.28
N LYS B 204 23.49 -10.44 -23.63
CA LYS B 204 22.17 -10.67 -24.23
C LYS B 204 21.27 -9.45 -24.14
N GLY B 205 21.67 -8.47 -23.33
CA GLY B 205 20.88 -7.26 -23.18
C GLY B 205 19.56 -7.37 -22.42
N TRP B 206 19.59 -7.91 -21.21
CA TRP B 206 18.37 -8.02 -20.42
C TRP B 206 18.35 -6.95 -19.33
N LEU B 207 17.16 -6.65 -18.84
CA LEU B 207 17.02 -5.70 -17.75
C LEU B 207 16.89 -6.61 -16.52
N PRO B 208 17.90 -6.60 -15.64
CA PRO B 208 17.87 -7.42 -14.44
C PRO B 208 16.98 -6.90 -13.32
N LEU B 209 16.04 -7.73 -12.89
CA LEU B 209 15.14 -7.37 -11.80
C LEU B 209 15.43 -8.34 -10.65
N PHE B 210 15.87 -7.80 -9.52
CA PHE B 210 16.18 -8.63 -8.37
C PHE B 210 15.13 -8.59 -7.27
N ASP B 211 14.70 -9.77 -6.82
CA ASP B 211 13.74 -9.87 -5.74
C ASP B 211 14.59 -10.25 -4.53
N PHE B 212 14.74 -9.32 -3.60
CA PHE B 212 15.56 -9.53 -2.43
C PHE B 212 14.69 -9.53 -1.18
N ALA B 213 14.20 -10.70 -0.79
CA ALA B 213 13.34 -10.78 0.38
C ALA B 213 14.00 -11.44 1.61
N TYR B 214 15.22 -11.97 1.46
CA TYR B 214 15.88 -12.65 2.57
C TYR B 214 17.30 -12.24 2.89
N GLN B 215 17.68 -11.00 2.57
CA GLN B 215 19.05 -10.59 2.86
C GLN B 215 19.33 -10.90 4.32
N GLY B 216 20.34 -11.74 4.57
CA GLY B 216 20.69 -12.10 5.92
C GLY B 216 20.32 -13.51 6.36
N PHE B 217 19.52 -14.21 5.57
CA PHE B 217 19.11 -15.56 5.94
C PHE B 217 19.94 -16.68 5.30
N ALA B 218 20.80 -16.34 4.35
CA ALA B 218 21.64 -17.36 3.71
C ALA B 218 22.96 -17.47 4.48
N ARG B 219 23.78 -16.44 4.41
CA ARG B 219 25.07 -16.42 5.10
C ARG B 219 25.23 -15.17 5.96
N GLY B 220 24.87 -14.02 5.41
CA GLY B 220 24.99 -12.79 6.16
C GLY B 220 24.64 -11.60 5.28
N LEU B 221 24.49 -10.44 5.91
CA LEU B 221 24.16 -9.21 5.18
C LEU B 221 24.99 -9.01 3.92
N GLU B 222 26.30 -8.78 4.08
CA GLU B 222 27.16 -8.56 2.93
C GLU B 222 27.24 -9.74 1.98
N GLU B 223 27.43 -10.92 2.55
CA GLU B 223 27.57 -12.16 1.78
C GLU B 223 26.37 -12.44 0.89
N ASP B 224 25.18 -12.14 1.40
CA ASP B 224 23.96 -12.39 0.66
C ASP B 224 23.75 -11.48 -0.56
N ALA B 225 24.37 -10.29 -0.57
CA ALA B 225 24.21 -9.37 -1.70
C ALA B 225 25.25 -9.53 -2.80
N GLU B 226 26.18 -10.47 -2.60
CA GLU B 226 27.25 -10.72 -3.56
C GLU B 226 26.84 -10.82 -5.02
N GLY B 227 25.87 -11.69 -5.30
CA GLY B 227 25.42 -11.84 -6.67
C GLY B 227 24.92 -10.52 -7.23
N LEU B 228 24.17 -9.80 -6.40
CA LEU B 228 23.62 -8.51 -6.79
C LEU B 228 24.75 -7.53 -7.06
N ARG B 229 25.67 -7.42 -6.10
CA ARG B 229 26.78 -6.50 -6.26
C ARG B 229 27.56 -6.82 -7.54
N ALA B 230 27.56 -8.08 -7.94
CA ALA B 230 28.27 -8.48 -9.16
C ALA B 230 27.55 -7.96 -10.40
N PHE B 231 26.22 -7.98 -10.36
CA PHE B 231 25.44 -7.46 -11.48
C PHE B 231 25.57 -5.95 -11.49
N ALA B 232 25.45 -5.34 -10.31
CA ALA B 232 25.54 -3.90 -10.15
C ALA B 232 26.77 -3.34 -10.84
N ALA B 233 27.92 -3.82 -10.40
CA ALA B 233 29.20 -3.38 -10.94
C ALA B 233 29.34 -3.59 -12.45
N MET B 234 28.37 -4.26 -13.07
CA MET B 234 28.48 -4.53 -14.50
C MET B 234 27.38 -3.97 -15.42
N HIS B 235 26.17 -3.79 -14.90
CA HIS B 235 25.07 -3.26 -15.72
C HIS B 235 24.91 -1.75 -15.62
N LYS B 236 24.22 -1.18 -16.61
CA LYS B 236 23.98 0.26 -16.62
C LYS B 236 22.61 0.49 -15.98
N GLU B 237 21.72 -0.49 -16.12
CA GLU B 237 20.38 -0.39 -15.58
C GLU B 237 19.89 -1.68 -14.94
N LEU B 238 19.22 -1.55 -13.80
CA LEU B 238 18.66 -2.70 -13.09
C LEU B 238 17.65 -2.25 -12.03
N ILE B 239 16.74 -3.15 -11.69
CA ILE B 239 15.72 -2.87 -10.68
C ILE B 239 15.79 -3.92 -9.58
N VAL B 240 15.71 -3.47 -8.34
CA VAL B 240 15.75 -4.36 -7.18
C VAL B 240 14.59 -4.07 -6.23
N ALA B 241 13.72 -5.08 -6.07
CA ALA B 241 12.57 -5.01 -5.17
C ALA B 241 12.96 -5.76 -3.91
N SER B 242 13.06 -5.05 -2.80
CA SER B 242 13.47 -5.68 -1.54
C SER B 242 12.39 -5.63 -0.47
N SER B 243 12.48 -6.53 0.51
CA SER B 243 11.50 -6.58 1.60
C SER B 243 12.15 -6.64 2.97
N TYR B 244 11.52 -5.99 3.94
CA TYR B 244 12.05 -5.99 5.31
C TYR B 244 11.16 -6.83 6.22
N SER B 245 10.18 -7.49 5.62
CA SER B 245 9.24 -8.34 6.34
C SER B 245 9.87 -9.37 7.24
N LYS B 246 10.76 -10.18 6.66
CA LYS B 246 11.41 -11.26 7.40
C LYS B 246 12.59 -10.84 8.27
N ASN B 247 13.63 -10.27 7.69
CA ASN B 247 14.80 -9.90 8.49
C ASN B 247 14.54 -8.88 9.59
N PHE B 248 13.35 -8.32 9.65
CA PHE B 248 13.01 -7.39 10.72
C PHE B 248 11.79 -7.90 11.50
N GLY B 249 11.13 -8.92 10.96
CA GLY B 249 9.94 -9.44 11.60
C GLY B 249 8.83 -8.40 11.65
N LEU B 250 8.74 -7.60 10.59
CA LEU B 250 7.74 -6.55 10.51
C LEU B 250 6.67 -6.88 9.46
N TYR B 251 6.46 -8.17 9.26
CA TYR B 251 5.49 -8.71 8.31
C TYR B 251 4.25 -7.86 8.00
N ASN B 252 3.46 -7.56 9.03
CA ASN B 252 2.22 -6.82 8.82
C ASN B 252 2.30 -5.31 8.74
N GLU B 253 3.51 -4.76 8.82
CA GLU B 253 3.63 -3.31 8.74
C GLU B 253 3.94 -2.91 7.30
N ARG B 254 4.18 -3.91 6.45
CA ARG B 254 4.44 -3.70 5.03
C ARG B 254 5.60 -2.73 4.72
N VAL B 255 6.82 -3.19 4.97
CA VAL B 255 8.01 -2.39 4.75
C VAL B 255 8.87 -2.97 3.64
N GLY B 256 8.94 -2.26 2.52
CA GLY B 256 9.74 -2.72 1.40
C GLY B 256 10.37 -1.56 0.65
N ALA B 257 11.10 -1.85 -0.41
CA ALA B 257 11.75 -0.79 -1.19
C ALA B 257 11.95 -1.21 -2.63
N CYS B 258 11.76 -0.27 -3.54
CA CYS B 258 11.98 -0.52 -4.96
C CYS B 258 13.10 0.42 -5.38
N THR B 259 14.23 -0.14 -5.80
CA THR B 259 15.36 0.70 -6.19
C THR B 259 15.71 0.67 -7.67
N LEU B 260 15.75 1.86 -8.26
CA LEU B 260 16.04 2.04 -9.67
C LEU B 260 17.50 2.43 -9.91
N VAL B 261 18.14 1.78 -10.88
CA VAL B 261 19.52 2.11 -11.23
C VAL B 261 19.60 2.41 -12.72
N ALA B 262 20.17 3.57 -13.06
CA ALA B 262 20.30 3.97 -14.46
C ALA B 262 21.76 4.29 -14.78
N ALA B 263 22.02 4.64 -16.04
CA ALA B 263 23.37 4.95 -16.50
C ALA B 263 24.01 6.12 -15.75
N ASP B 264 23.26 7.19 -15.55
CA ASP B 264 23.74 8.38 -14.87
C ASP B 264 22.69 8.98 -13.96
N SER B 265 23.05 10.09 -13.31
CA SER B 265 22.14 10.76 -12.39
C SER B 265 20.90 11.42 -13.02
N GLU B 266 21.06 11.99 -14.21
CA GLU B 266 19.95 12.67 -14.89
C GLU B 266 18.92 11.67 -15.41
N THR B 267 19.40 10.54 -15.90
CA THR B 267 18.52 9.50 -16.43
C THR B 267 17.68 8.84 -15.33
N VAL B 268 18.31 8.46 -14.23
CA VAL B 268 17.58 7.81 -13.14
C VAL B 268 16.52 8.76 -12.56
N ASP B 269 16.88 10.03 -12.42
CA ASP B 269 15.94 11.02 -11.88
C ASP B 269 14.73 11.18 -12.79
N ARG B 270 14.97 11.22 -14.10
CA ARG B 270 13.91 11.38 -15.07
C ARG B 270 12.99 10.16 -15.04
N ALA B 271 13.59 8.97 -14.96
CA ALA B 271 12.83 7.74 -14.92
C ALA B 271 12.14 7.56 -13.57
N PHE B 272 12.79 8.01 -12.50
CA PHE B 272 12.21 7.87 -11.17
C PHE B 272 10.96 8.72 -11.01
N SER B 273 10.84 9.78 -11.81
CA SER B 273 9.67 10.64 -11.71
C SER B 273 8.42 9.89 -12.18
N GLN B 274 8.58 9.01 -13.15
CA GLN B 274 7.45 8.23 -13.63
C GLN B 274 7.11 7.17 -12.61
N MET B 275 8.10 6.68 -11.88
CA MET B 275 7.86 5.67 -10.85
C MET B 275 7.02 6.30 -9.76
N LYS B 276 7.34 7.53 -9.40
CA LYS B 276 6.57 8.23 -8.37
C LYS B 276 5.14 8.45 -8.88
N ALA B 277 5.00 8.69 -10.18
CA ALA B 277 3.68 8.89 -10.77
C ALA B 277 2.89 7.58 -10.67
N ALA B 278 3.57 6.46 -10.90
CA ALA B 278 2.92 5.15 -10.82
C ALA B 278 2.43 4.94 -9.38
N ILE B 279 3.26 5.33 -8.41
CA ILE B 279 2.93 5.19 -7.01
C ILE B 279 1.76 6.09 -6.61
N ARG B 280 1.79 7.34 -7.07
CA ARG B 280 0.75 8.31 -6.77
C ARG B 280 -0.62 7.78 -7.17
N ALA B 281 -0.70 7.08 -8.30
CA ALA B 281 -1.96 6.53 -8.78
C ALA B 281 -2.29 5.14 -8.21
N ASN B 282 -1.51 4.70 -7.22
CA ASN B 282 -1.73 3.41 -6.61
C ASN B 282 -2.21 3.62 -5.16
N TYR B 283 -1.28 3.98 -4.27
CA TYR B 283 -1.61 4.21 -2.88
C TYR B 283 -1.19 5.61 -2.39
N SER B 284 -0.75 6.45 -3.33
CA SER B 284 -0.36 7.85 -3.04
C SER B 284 0.97 8.04 -2.32
N ASN B 285 1.07 7.52 -1.10
CA ASN B 285 2.30 7.60 -0.32
C ASN B 285 2.30 6.43 0.67
N PRO B 286 3.49 5.89 0.98
CA PRO B 286 3.73 4.75 1.87
C PRO B 286 3.46 4.87 3.37
N PRO B 287 3.13 3.74 4.02
CA PRO B 287 2.84 3.67 5.46
C PRO B 287 4.12 3.94 6.26
N ALA B 288 4.07 4.93 7.13
CA ALA B 288 5.22 5.35 7.91
C ALA B 288 5.75 4.50 9.08
N HIS B 289 4.87 3.92 9.88
CA HIS B 289 5.30 3.18 11.06
C HIS B 289 6.42 2.16 10.93
N GLY B 290 6.22 1.14 10.09
CA GLY B 290 7.23 0.11 9.93
C GLY B 290 8.56 0.59 9.38
N ALA B 291 8.49 1.42 8.34
CA ALA B 291 9.68 1.97 7.72
C ALA B 291 10.42 2.87 8.71
N SER B 292 9.65 3.61 9.52
CA SER B 292 10.24 4.49 10.52
C SER B 292 11.08 3.63 11.45
N VAL B 293 10.50 2.54 11.91
CA VAL B 293 11.20 1.62 12.78
C VAL B 293 12.52 1.18 12.13
N VAL B 294 12.46 0.68 10.89
CA VAL B 294 13.67 0.23 10.22
C VAL B 294 14.72 1.33 10.15
N ALA B 295 14.29 2.53 9.76
CA ALA B 295 15.19 3.66 9.63
C ALA B 295 15.91 3.99 10.93
N THR B 296 15.16 4.09 12.02
CA THR B 296 15.78 4.41 13.30
C THR B 296 16.72 3.35 13.83
N ILE B 297 16.45 2.08 13.53
CA ILE B 297 17.34 1.00 13.99
C ILE B 297 18.65 1.01 13.23
N LEU B 298 18.56 1.20 11.92
CA LEU B 298 19.71 1.22 11.03
C LEU B 298 20.56 2.47 11.19
N SER B 299 19.99 3.52 11.77
CA SER B 299 20.70 4.79 11.97
C SER B 299 21.35 4.87 13.34
N ASN B 300 20.86 4.09 14.27
CA ASN B 300 21.39 4.08 15.62
C ASN B 300 22.35 2.88 15.75
N ASP B 301 23.63 3.16 15.98
CA ASP B 301 24.63 2.10 16.10
C ASP B 301 24.33 1.11 17.22
N ALA B 302 23.85 1.60 18.36
CA ALA B 302 23.52 0.74 19.49
C ALA B 302 22.32 -0.15 19.21
N LEU B 303 21.47 0.26 18.26
CA LEU B 303 20.30 -0.52 17.91
C LEU B 303 20.66 -1.47 16.78
N ARG B 304 21.45 -0.97 15.84
CA ARG B 304 21.89 -1.78 14.72
C ARG B 304 22.53 -3.05 15.29
N ALA B 305 23.44 -2.85 16.24
CA ALA B 305 24.15 -3.96 16.88
C ALA B 305 23.19 -5.02 17.41
N ILE B 306 22.16 -4.57 18.15
CA ILE B 306 21.18 -5.48 18.70
C ILE B 306 20.43 -6.23 17.60
N TRP B 307 20.05 -5.49 16.56
CA TRP B 307 19.33 -6.07 15.44
C TRP B 307 20.12 -7.13 14.70
N GLU B 308 21.39 -6.85 14.44
CA GLU B 308 22.21 -7.82 13.73
C GLU B 308 22.38 -9.05 14.60
N GLN B 309 22.46 -8.84 15.91
CA GLN B 309 22.58 -9.96 16.84
C GLN B 309 21.33 -10.83 16.71
N GLU B 310 20.17 -10.18 16.72
CA GLU B 310 18.90 -10.89 16.61
C GLU B 310 18.75 -11.61 15.27
N LEU B 311 19.22 -11.00 14.20
CA LEU B 311 19.11 -11.61 12.89
C LEU B 311 19.92 -12.91 12.88
N THR B 312 21.15 -12.82 13.38
CA THR B 312 22.03 -13.97 13.45
C THR B 312 21.40 -15.13 14.24
N ASP B 313 20.75 -14.81 15.36
CA ASP B 313 20.12 -15.86 16.16
C ASP B 313 19.04 -16.59 15.37
N MET B 314 18.34 -15.86 14.50
CA MET B 314 17.28 -16.44 13.69
C MET B 314 17.87 -17.31 12.60
N ARG B 315 18.93 -16.84 11.97
CA ARG B 315 19.57 -17.61 10.90
C ARG B 315 20.14 -18.90 11.48
N GLN B 316 20.76 -18.80 12.66
CA GLN B 316 21.35 -19.96 13.30
C GLN B 316 20.32 -20.95 13.85
N ARG B 317 19.19 -20.45 14.34
CA ARG B 317 18.19 -21.37 14.88
C ARG B 317 17.61 -22.20 13.76
N ILE B 318 17.53 -21.61 12.57
CA ILE B 318 17.00 -22.30 11.40
C ILE B 318 17.97 -23.37 10.88
N GLN B 319 19.26 -23.14 11.06
CA GLN B 319 20.27 -24.10 10.60
C GLN B 319 20.23 -25.33 11.51
N ARG B 320 20.04 -25.09 12.80
CA ARG B 320 19.96 -26.15 13.79
C ARG B 320 18.71 -27.00 13.66
N MET B 321 17.63 -26.45 13.08
CA MET B 321 16.41 -27.21 12.88
C MET B 321 16.57 -28.04 11.59
N ARG B 322 17.21 -27.44 10.59
CA ARG B 322 17.44 -28.12 9.33
C ARG B 322 18.20 -29.42 9.63
N GLN B 323 19.27 -29.33 10.42
CA GLN B 323 20.05 -30.51 10.79
C GLN B 323 19.18 -31.47 11.60
N LEU B 324 18.55 -30.95 12.66
CA LEU B 324 17.68 -31.75 13.51
C LEU B 324 16.57 -32.46 12.72
N PHE B 325 16.03 -31.77 11.72
CA PHE B 325 14.97 -32.31 10.88
C PHE B 325 15.47 -33.54 10.11
N VAL B 326 16.67 -33.45 9.55
CA VAL B 326 17.24 -34.56 8.79
C VAL B 326 17.59 -35.74 9.70
N ASN B 327 18.11 -35.44 10.87
CA ASN B 327 18.46 -36.48 11.83
C ASN B 327 17.25 -37.20 12.38
N THR B 328 16.18 -36.45 12.64
CA THR B 328 14.97 -37.05 13.19
C THR B 328 14.26 -37.93 12.19
N LEU B 329 14.24 -37.50 10.92
CA LEU B 329 13.58 -38.26 9.87
C LEU B 329 14.15 -39.68 9.76
N GLN B 330 15.47 -39.80 9.94
CA GLN B 330 16.12 -41.11 9.87
C GLN B 330 15.71 -41.91 11.09
N GLU B 331 15.72 -41.26 12.24
CA GLU B 331 15.38 -41.91 13.49
C GLU B 331 13.94 -42.42 13.55
N LYS B 332 13.01 -41.73 12.91
CA LYS B 332 11.61 -42.14 12.91
C LYS B 332 11.34 -43.16 11.79
N GLY B 333 12.41 -43.60 11.14
CA GLY B 333 12.26 -44.62 10.10
C GLY B 333 12.12 -44.27 8.64
N ALA B 334 12.59 -43.10 8.23
CA ALA B 334 12.48 -42.71 6.82
C ALA B 334 13.30 -43.66 5.93
N ASN B 335 12.69 -44.09 4.83
CA ASN B 335 13.37 -44.97 3.89
C ASN B 335 13.89 -44.14 2.72
N ARG B 336 14.69 -43.12 3.04
CA ARG B 336 15.23 -42.25 2.00
C ARG B 336 16.29 -41.32 2.57
N ASP B 337 17.02 -40.65 1.68
CA ASP B 337 18.06 -39.73 2.10
C ASP B 337 17.58 -38.29 1.92
N PHE B 338 17.32 -37.61 3.03
CA PHE B 338 16.89 -36.22 2.96
C PHE B 338 18.08 -35.34 3.28
N SER B 339 19.25 -35.90 3.07
CA SER B 339 20.50 -35.21 3.35
C SER B 339 20.65 -33.95 2.51
N PHE B 340 19.99 -33.94 1.35
CA PHE B 340 20.04 -32.80 0.42
C PHE B 340 19.39 -31.56 1.00
N ILE B 341 18.79 -31.71 2.18
CA ILE B 341 18.12 -30.60 2.85
C ILE B 341 19.10 -29.72 3.63
N ILE B 342 20.28 -30.24 3.92
CA ILE B 342 21.26 -29.47 4.66
C ILE B 342 21.92 -28.43 3.75
N LYS B 343 21.89 -28.68 2.45
CA LYS B 343 22.49 -27.79 1.47
C LYS B 343 21.57 -26.61 1.08
N GLN B 344 20.31 -26.67 1.51
CA GLN B 344 19.39 -25.61 1.17
C GLN B 344 19.57 -24.40 2.11
N ASN B 345 19.26 -23.22 1.58
CA ASN B 345 19.40 -21.96 2.30
C ASN B 345 18.07 -21.29 2.61
N GLY B 346 18.04 -20.54 3.71
CA GLY B 346 16.83 -19.82 4.07
C GLY B 346 15.89 -20.50 5.05
N MET B 347 14.63 -20.16 4.95
CA MET B 347 13.60 -20.68 5.82
C MET B 347 12.92 -21.94 5.30
N PHE B 348 12.92 -22.11 4.00
CA PHE B 348 12.26 -23.26 3.42
C PHE B 348 13.16 -24.42 3.07
N SER B 349 12.50 -25.46 2.57
CA SER B 349 13.15 -26.66 2.11
C SER B 349 12.18 -27.33 1.15
N PHE B 350 12.70 -27.77 0.02
CA PHE B 350 11.89 -28.45 -0.97
C PHE B 350 11.98 -29.92 -0.55
N SER B 351 11.00 -30.37 0.23
CA SER B 351 10.96 -31.73 0.77
C SER B 351 11.02 -32.85 -0.25
N GLY B 352 10.24 -32.75 -1.31
CA GLY B 352 10.22 -33.80 -2.31
C GLY B 352 8.88 -34.50 -2.29
N LEU B 353 8.08 -34.19 -1.27
CA LEU B 353 6.75 -34.79 -1.13
C LEU B 353 5.87 -34.39 -2.31
N THR B 354 4.96 -35.29 -2.69
CA THR B 354 4.04 -35.03 -3.80
C THR B 354 2.78 -34.33 -3.30
N LYS B 355 2.02 -33.75 -4.23
CA LYS B 355 0.79 -33.05 -3.86
C LYS B 355 -0.12 -33.97 -3.05
N GLU B 356 -0.27 -35.22 -3.48
CA GLU B 356 -1.12 -36.16 -2.78
C GLU B 356 -0.62 -36.42 -1.36
N GLN B 357 0.70 -36.48 -1.18
CA GLN B 357 1.28 -36.71 0.14
C GLN B 357 1.07 -35.47 0.99
N VAL B 358 1.34 -34.29 0.40
CA VAL B 358 1.16 -33.03 1.10
C VAL B 358 -0.28 -32.94 1.56
N LEU B 359 -1.18 -33.45 0.73
CA LEU B 359 -2.59 -33.42 1.05
C LEU B 359 -2.90 -34.34 2.23
N ARG B 360 -2.38 -35.57 2.19
CA ARG B 360 -2.65 -36.50 3.27
C ARG B 360 -2.09 -35.98 4.60
N LEU B 361 -0.95 -35.30 4.56
CA LEU B 361 -0.37 -34.72 5.76
C LEU B 361 -1.34 -33.76 6.41
N ARG B 362 -2.03 -32.98 5.60
CA ARG B 362 -2.98 -32.01 6.12
C ARG B 362 -4.23 -32.72 6.63
N GLU B 363 -4.83 -33.52 5.76
CA GLU B 363 -6.06 -34.25 6.07
C GLU B 363 -5.99 -35.21 7.24
N GLU B 364 -4.98 -36.07 7.29
CA GLU B 364 -4.93 -37.05 8.37
C GLU B 364 -4.07 -36.72 9.58
N PHE B 365 -3.03 -35.91 9.41
CA PHE B 365 -2.17 -35.59 10.55
C PHE B 365 -2.21 -34.14 11.00
N GLY B 366 -2.91 -33.31 10.24
CA GLY B 366 -2.99 -31.91 10.58
C GLY B 366 -1.66 -31.18 10.44
N VAL B 367 -0.84 -31.60 9.48
CA VAL B 367 0.45 -30.94 9.27
C VAL B 367 0.33 -30.13 7.97
N TYR B 368 0.46 -28.81 8.08
CA TYR B 368 0.29 -27.94 6.92
C TYR B 368 1.56 -27.48 6.20
N ALA B 369 1.59 -27.75 4.91
CA ALA B 369 2.71 -27.36 4.05
C ALA B 369 2.12 -26.95 2.71
N VAL B 370 2.91 -26.26 1.91
CA VAL B 370 2.46 -25.81 0.60
C VAL B 370 2.36 -27.02 -0.35
N ALA B 371 1.34 -27.00 -1.20
CA ALA B 371 1.09 -28.09 -2.15
C ALA B 371 2.28 -28.49 -3.00
N SER B 372 3.16 -27.54 -3.28
CA SER B 372 4.34 -27.82 -4.08
C SER B 372 5.31 -28.68 -3.27
N GLY B 373 4.96 -28.92 -2.00
CA GLY B 373 5.82 -29.71 -1.14
C GLY B 373 6.85 -28.84 -0.45
N ARG B 374 6.64 -27.53 -0.44
CA ARG B 374 7.56 -26.61 0.23
C ARG B 374 7.28 -26.60 1.73
N VAL B 375 8.33 -26.69 2.55
CA VAL B 375 8.14 -26.70 3.98
C VAL B 375 8.93 -25.59 4.68
N ASN B 376 8.31 -24.98 5.69
CA ASN B 376 8.93 -23.93 6.45
C ASN B 376 9.72 -24.46 7.65
N VAL B 377 11.03 -24.64 7.45
CA VAL B 377 11.93 -25.13 8.48
C VAL B 377 11.92 -24.19 9.68
N ALA B 378 11.65 -22.91 9.41
CA ALA B 378 11.62 -21.90 10.46
C ALA B 378 10.42 -22.08 11.39
N GLY B 379 9.48 -22.93 10.98
CA GLY B 379 8.30 -23.18 11.79
C GLY B 379 8.48 -24.43 12.64
N MET B 380 9.64 -25.07 12.54
CA MET B 380 9.92 -26.29 13.29
C MET B 380 10.58 -25.95 14.63
N THR B 381 10.12 -26.60 15.69
CA THR B 381 10.66 -26.37 17.01
C THR B 381 11.01 -27.72 17.63
N PRO B 382 11.88 -27.73 18.65
CA PRO B 382 12.26 -28.99 19.30
C PRO B 382 11.04 -29.80 19.72
N ASP B 383 9.98 -29.10 20.11
CA ASP B 383 8.74 -29.73 20.54
C ASP B 383 7.84 -30.37 19.49
N ASN B 384 7.79 -29.82 18.27
CA ASN B 384 6.93 -30.41 17.25
C ASN B 384 7.68 -31.29 16.26
N MET B 385 9.00 -31.34 16.39
CA MET B 385 9.81 -32.11 15.45
C MET B 385 9.43 -33.59 15.36
N ALA B 386 9.27 -34.24 16.51
CA ALA B 386 8.92 -35.66 16.55
C ALA B 386 7.58 -35.96 15.88
N PRO B 387 6.48 -35.34 16.37
CA PRO B 387 5.16 -35.59 15.78
C PRO B 387 5.21 -35.34 14.26
N LEU B 388 5.89 -34.26 13.93
CA LEU B 388 6.07 -33.80 12.54
C LEU B 388 6.76 -34.85 11.65
N CYS B 389 7.86 -35.43 12.12
CA CYS B 389 8.57 -36.42 11.32
C CYS B 389 7.84 -37.76 11.26
N GLU B 390 7.08 -38.09 12.29
CA GLU B 390 6.33 -39.34 12.28
C GLU B 390 5.28 -39.26 11.17
N ALA B 391 4.63 -38.10 11.05
CA ALA B 391 3.61 -37.90 10.02
C ALA B 391 4.18 -38.06 8.61
N ILE B 392 5.33 -37.44 8.37
CA ILE B 392 5.95 -37.53 7.05
C ILE B 392 6.32 -38.98 6.71
N VAL B 393 7.04 -39.64 7.61
CA VAL B 393 7.44 -41.02 7.41
C VAL B 393 6.23 -41.90 7.09
N ALA B 394 5.14 -41.67 7.82
CA ALA B 394 3.91 -42.45 7.65
C ALA B 394 3.27 -42.32 6.27
N VAL B 395 3.53 -41.21 5.62
CA VAL B 395 2.97 -40.94 4.29
C VAL B 395 3.99 -41.26 3.18
N LEU B 396 5.24 -41.48 3.61
CA LEU B 396 6.34 -41.74 2.70
C LEU B 396 6.14 -42.94 1.77
#